data_8QOY
#
_entry.id   8QOY
#
_cell.length_a   207.911
_cell.length_b   207.911
_cell.length_c   93.659
_cell.angle_alpha   90.000
_cell.angle_beta   90.000
_cell.angle_gamma   120.000
#
_symmetry.space_group_name_H-M   'P 3 2 1'
#
loop_
_entity.id
_entity.type
_entity.pdbx_description
1 polymer 'TagF-like capsule polymerase Cps3D'
2 non-polymer 'SULFATE ION'
3 non-polymer 'ZINC ION'
4 water water
#
_entity_poly.entity_id   1
_entity_poly.type   'polypeptide(L)'
_entity_poly.pdbx_seq_one_letter_code
;GPGSKHNVKLSSVPSLLHGLYLYKHQQYQKAQEIFNKILEKQPQNAYLNFRYGMALYKDKKWDEANHFIQKAVELAPEKE
AWKKQLATTERYKHDSSKVKVAENKKKLEANPNSPEYIWEYAISLIDSKQYWLAQFQLEKYIELKPNSEQAFHQLGIVSE
KLANYEQAFIYFQKASQFAPLNRNYKYRMGYNLEKLGKLNEAQKCYSLVIDMSHPTDEVAQFGIGALHAKRGLWDMALSA
YLQHQIQSNSQNPQLYYRIGIAYERLYQWTKSATTFEQAIILSEIMNANWCFKCGQAYERAENFEKSAEFYQEAVKRSDN
YNDYWWYRLALMLEKLGKYEQSVVAFQNSRRRKLAYAVNPKDVIKHKEEEFLSYYTEYYETLELDEKLVLIESFFGGNIS
CNPYAILSYMLENNYDYTYVVVIKDGTVIPDNLKFNRNIIFIKRGSDAYLRYLCTAKYLINNVSFPYYFIRKEGQVYLNT
WHGTPMKTLGKDIKSPFMDHANVSRNFLQATHIISPNRHTTDVILEQYDVKDLFSGKLAETGYPRIDLSFNLTDKRRNEI
AEKLGFSNNKPVVFYAPTWRGTSQSKDFDTSKLQYDLRKLKSNKYNLIFRGHHLVEQLLETINLDVTVAPKDIDSNELLG
FCDLLITDYSSIIYDFLALSKPAISYIYDYEEYDAERGLYLKPTEMSGTVCTTITDVKKTILEHISSGKSNVSEQDIQKY
SYLDDGQATKRTVEFMLDKDDSCIYKYERRKSDVFFEGPFIPNGISRSFLNLMASIKDSGKNITLLINGSDIAQDQKRLE
EFNNLPSNITVLSRVGRTPMTLEELWVRNKFEETYQIYSESFTNTLLKVYKREVRRLLGNSSFDNAIHFEGYSLFWVLLF
SQINAKKHIIYQHNDKYKEWKGRFPYLEGVFNSYVFFDQIVSVSEKTMENNILNLSKEFNIPEIKFTFCNNPINIQQILS
SAEENIEMESEFTLFNGQKFINIGRMSHEKDQLKLIEAFYEAKKAHVNIRLFILGDGVLKQDLINKIKDLSLEDSVYLLG
QKKNPFPYLKQADVFILSSNHEGQPMVLLESLTLGTPIIATDIVGNRSILGENYGTLVENNKDGLVQGINAYMEKGGRKD
KFDPYEYQNDAMAKFYSLLANLEHHHHHH
;
_entity_poly.pdbx_strand_id   A
#
# COMPACT_ATOMS: atom_id res chain seq x y z
N GLU A 103 15.49 -53.17 -17.16
CA GLU A 103 14.17 -52.82 -17.66
C GLU A 103 14.04 -53.27 -19.11
N ASN A 104 15.02 -52.89 -19.91
CA ASN A 104 15.14 -53.36 -21.29
C ASN A 104 16.38 -54.24 -21.40
N LYS A 105 16.29 -55.26 -22.25
CA LYS A 105 17.41 -56.15 -22.47
C LYS A 105 18.52 -55.43 -23.24
N LYS A 106 18.25 -55.09 -24.50
CA LYS A 106 19.19 -54.43 -25.41
C LYS A 106 20.38 -55.35 -25.71
N LYS A 107 20.42 -56.52 -25.09
CA LYS A 107 21.11 -57.64 -25.70
C LYS A 107 20.41 -58.08 -26.99
N LEU A 108 19.24 -57.50 -27.27
CA LEU A 108 18.53 -57.70 -28.53
C LEU A 108 19.46 -57.58 -29.72
N GLU A 109 20.18 -56.45 -29.80
CA GLU A 109 21.17 -56.27 -30.87
C GLU A 109 22.37 -57.17 -30.56
N ALA A 110 22.17 -58.47 -30.81
CA ALA A 110 23.26 -59.43 -30.70
C ALA A 110 24.34 -59.21 -31.74
N ASN A 111 24.12 -58.28 -32.68
CA ASN A 111 25.13 -57.83 -33.63
C ASN A 111 26.36 -57.37 -32.85
N PRO A 112 27.44 -58.15 -32.88
CA PRO A 112 28.52 -57.92 -31.91
C PRO A 112 29.60 -56.97 -32.41
N ASN A 113 30.65 -56.81 -31.61
CA ASN A 113 31.86 -56.06 -31.95
C ASN A 113 31.59 -54.59 -32.21
N SER A 114 30.42 -54.08 -31.85
CA SER A 114 30.09 -52.68 -32.08
C SER A 114 30.19 -51.92 -30.77
N PRO A 115 31.16 -51.00 -30.62
CA PRO A 115 31.25 -50.22 -29.38
C PRO A 115 29.96 -49.54 -28.96
N GLU A 116 29.15 -49.09 -29.92
CA GLU A 116 27.90 -48.41 -29.57
C GLU A 116 26.93 -49.35 -28.87
N TYR A 117 26.77 -50.56 -29.41
CA TYR A 117 25.87 -51.53 -28.79
C TYR A 117 26.42 -52.06 -27.47
N ILE A 118 27.74 -52.25 -27.41
CA ILE A 118 28.36 -52.74 -26.17
C ILE A 118 28.16 -51.73 -25.05
N TRP A 119 28.37 -50.44 -25.35
CA TRP A 119 28.19 -49.41 -24.34
C TRP A 119 26.72 -49.24 -23.99
N GLU A 120 25.83 -49.37 -24.98
CA GLU A 120 24.40 -49.29 -24.72
C GLU A 120 23.96 -50.37 -23.74
N TYR A 121 24.38 -51.62 -23.98
CA TYR A 121 24.00 -52.72 -23.11
C TYR A 121 24.62 -52.57 -21.73
N ALA A 122 25.86 -52.08 -21.66
CA ALA A 122 26.55 -52.00 -20.37
C ALA A 122 25.93 -50.96 -19.46
N ILE A 123 25.57 -49.79 -20.00
CA ILE A 123 24.97 -48.74 -19.17
C ILE A 123 23.58 -49.16 -18.71
N SER A 124 22.83 -49.85 -19.56
CA SER A 124 21.53 -50.36 -19.13
C SER A 124 21.68 -51.40 -18.02
N LEU A 125 22.76 -52.17 -18.05
CA LEU A 125 23.03 -53.11 -16.95
C LEU A 125 23.39 -52.37 -15.67
N ILE A 126 24.16 -51.29 -15.79
CA ILE A 126 24.56 -50.54 -14.60
C ILE A 126 23.37 -49.82 -13.99
N ASP A 127 22.50 -49.24 -14.83
CA ASP A 127 21.33 -48.55 -14.30
C ASP A 127 20.35 -49.51 -13.64
N SER A 128 20.35 -50.77 -14.06
CA SER A 128 19.54 -51.80 -13.43
C SER A 128 20.29 -52.52 -12.31
N LYS A 129 21.43 -51.99 -11.88
CA LYS A 129 22.19 -52.50 -10.73
C LYS A 129 22.65 -53.94 -10.94
N GLN A 130 22.94 -54.31 -12.17
CA GLN A 130 23.52 -55.63 -12.47
C GLN A 130 25.00 -55.48 -12.76
N TYR A 131 25.74 -55.18 -11.68
CA TYR A 131 27.13 -54.74 -11.80
C TYR A 131 28.03 -55.86 -12.29
N TRP A 132 27.91 -57.05 -11.70
CA TRP A 132 28.76 -58.17 -12.11
C TRP A 132 28.59 -58.49 -13.59
N LEU A 133 27.38 -58.29 -14.13
CA LEU A 133 27.13 -58.57 -15.54
C LEU A 133 27.70 -57.48 -16.43
N ALA A 134 27.72 -56.23 -15.96
CA ALA A 134 28.27 -55.13 -16.74
C ALA A 134 29.79 -55.09 -16.71
N GLN A 135 30.44 -55.85 -15.81
CA GLN A 135 31.89 -55.82 -15.73
C GLN A 135 32.53 -56.44 -16.98
N PHE A 136 31.96 -57.56 -17.46
CA PHE A 136 32.51 -58.20 -18.64
C PHE A 136 32.31 -57.35 -19.88
N GLN A 137 31.18 -56.65 -19.98
CA GLN A 137 30.92 -55.82 -21.15
C GLN A 137 31.83 -54.60 -21.18
N LEU A 138 32.17 -54.04 -20.02
CA LEU A 138 33.12 -52.94 -19.99
C LEU A 138 34.54 -53.43 -20.28
N GLU A 139 34.85 -54.67 -19.92
CA GLU A 139 36.14 -55.24 -20.32
C GLU A 139 36.22 -55.44 -21.83
N LYS A 140 35.10 -55.77 -22.46
CA LYS A 140 35.09 -55.90 -23.91
C LYS A 140 35.20 -54.53 -24.58
N TYR A 141 34.58 -53.51 -23.99
CA TYR A 141 34.71 -52.15 -24.53
C TYR A 141 36.14 -51.65 -24.43
N ILE A 142 36.81 -51.94 -23.31
CA ILE A 142 38.20 -51.52 -23.13
C ILE A 142 39.10 -52.24 -24.13
N GLU A 143 38.79 -53.49 -24.47
CA GLU A 143 39.53 -54.18 -25.52
C GLU A 143 39.40 -53.46 -26.86
N LEU A 144 38.24 -52.85 -27.12
CA LEU A 144 38.00 -52.18 -28.40
C LEU A 144 38.54 -50.75 -28.39
N LYS A 145 38.07 -49.94 -27.43
CA LYS A 145 38.47 -48.54 -27.31
C LYS A 145 39.25 -48.34 -26.02
N PRO A 146 40.55 -48.63 -26.00
CA PRO A 146 41.31 -48.54 -24.73
C PRO A 146 41.72 -47.12 -24.37
N ASN A 147 40.91 -46.13 -24.76
CA ASN A 147 41.21 -44.74 -24.43
C ASN A 147 39.98 -43.94 -24.02
N SER A 148 38.85 -44.60 -23.76
CA SER A 148 37.64 -43.90 -23.32
C SER A 148 37.77 -43.59 -21.83
N GLU A 149 37.82 -42.30 -21.51
CA GLU A 149 37.83 -41.91 -20.10
C GLU A 149 36.55 -42.33 -19.41
N GLN A 150 35.42 -42.27 -20.12
CA GLN A 150 34.14 -42.68 -19.55
C GLN A 150 34.11 -44.17 -19.28
N ALA A 151 34.84 -44.96 -20.06
CA ALA A 151 34.88 -46.40 -19.82
C ALA A 151 35.63 -46.72 -18.53
N PHE A 152 36.73 -46.00 -18.25
CA PHE A 152 37.44 -46.20 -17.00
C PHE A 152 36.66 -45.65 -15.81
N HIS A 153 35.86 -44.61 -16.04
CA HIS A 153 34.99 -44.08 -14.99
C HIS A 153 33.96 -45.14 -14.57
N GLN A 154 33.33 -45.78 -15.55
CA GLN A 154 32.30 -46.77 -15.23
C GLN A 154 32.90 -48.04 -14.63
N LEU A 155 34.10 -48.43 -15.06
CA LEU A 155 34.74 -49.61 -14.50
C LEU A 155 35.13 -49.39 -13.04
N GLY A 156 35.55 -48.18 -12.70
CA GLY A 156 35.84 -47.87 -11.31
C GLY A 156 34.59 -47.89 -10.46
N ILE A 157 33.47 -47.39 -11.01
CA ILE A 157 32.20 -47.43 -10.28
C ILE A 157 31.74 -48.86 -10.10
N VAL A 158 31.87 -49.69 -11.14
CA VAL A 158 31.43 -51.08 -11.06
C VAL A 158 32.28 -51.85 -10.06
N SER A 159 33.60 -51.68 -10.13
CA SER A 159 34.48 -52.41 -9.22
C SER A 159 34.29 -51.97 -7.78
N GLU A 160 33.91 -50.72 -7.55
CA GLU A 160 33.64 -50.26 -6.20
C GLU A 160 32.32 -50.84 -5.68
N LYS A 161 31.29 -50.89 -6.53
CA LYS A 161 30.05 -51.54 -6.14
C LYS A 161 30.25 -53.03 -5.91
N LEU A 162 31.21 -53.63 -6.60
CA LEU A 162 31.55 -55.04 -6.44
C LEU A 162 32.51 -55.30 -5.29
N ALA A 163 32.82 -54.28 -4.49
CA ALA A 163 33.74 -54.36 -3.36
C ALA A 163 35.15 -54.76 -3.77
N ASN A 164 35.51 -54.56 -5.04
CA ASN A 164 36.88 -54.75 -5.51
C ASN A 164 37.58 -53.38 -5.46
N TYR A 165 38.02 -53.03 -4.26
CA TYR A 165 38.51 -51.67 -4.02
C TYR A 165 39.86 -51.42 -4.69
N GLU A 166 40.67 -52.46 -4.87
CA GLU A 166 41.97 -52.27 -5.52
C GLU A 166 41.79 -52.02 -7.01
N GLN A 167 40.96 -52.84 -7.68
CA GLN A 167 40.69 -52.62 -9.08
C GLN A 167 39.96 -51.30 -9.31
N ALA A 168 39.18 -50.85 -8.33
CA ALA A 168 38.52 -49.57 -8.45
C ALA A 168 39.53 -48.43 -8.47
N PHE A 169 40.52 -48.46 -7.57
CA PHE A 169 41.54 -47.43 -7.57
C PHE A 169 42.33 -47.42 -8.88
N ILE A 170 42.65 -48.60 -9.41
CA ILE A 170 43.40 -48.68 -10.66
C ILE A 170 42.59 -48.03 -11.79
N TYR A 171 41.29 -48.31 -11.84
CA TYR A 171 40.47 -47.77 -12.92
C TYR A 171 40.25 -46.27 -12.76
N PHE A 172 39.99 -45.80 -11.53
CA PHE A 172 39.85 -44.37 -11.32
C PHE A 172 41.15 -43.63 -11.58
N GLN A 173 42.30 -44.28 -11.33
CA GLN A 173 43.58 -43.64 -11.59
C GLN A 173 43.83 -43.50 -13.09
N LYS A 174 43.56 -44.55 -13.86
CA LYS A 174 43.68 -44.47 -15.30
C LYS A 174 42.71 -43.46 -15.89
N ALA A 175 41.61 -43.17 -15.20
CA ALA A 175 40.69 -42.14 -15.67
C ALA A 175 41.16 -40.75 -15.26
N SER A 176 41.80 -40.63 -14.10
CA SER A 176 42.25 -39.32 -13.63
C SER A 176 43.38 -38.78 -14.49
N GLN A 177 44.31 -39.65 -14.92
CA GLN A 177 45.38 -39.20 -15.79
C GLN A 177 44.91 -38.89 -17.20
N PHE A 178 43.66 -39.23 -17.54
CA PHE A 178 43.05 -38.77 -18.78
C PHE A 178 42.52 -37.35 -18.67
N ALA A 179 42.28 -36.87 -17.45
CA ALA A 179 41.84 -35.51 -17.19
C ALA A 179 42.23 -35.10 -15.77
N PRO A 180 43.50 -34.74 -15.54
CA PRO A 180 43.95 -34.45 -14.17
C PRO A 180 43.26 -33.27 -13.52
N LEU A 181 42.48 -32.49 -14.28
CA LEU A 181 41.71 -31.40 -13.70
C LEU A 181 40.37 -31.86 -13.12
N ASN A 182 40.06 -33.14 -13.22
CA ASN A 182 38.80 -33.68 -12.70
C ASN A 182 38.98 -34.03 -11.23
N ARG A 183 38.13 -33.46 -10.38
CA ARG A 183 38.27 -33.62 -8.94
C ARG A 183 37.55 -34.86 -8.41
N ASN A 184 36.41 -35.23 -9.01
CA ASN A 184 35.68 -36.40 -8.55
C ASN A 184 36.51 -37.67 -8.69
N TYR A 185 37.35 -37.73 -9.74
CA TYR A 185 38.22 -38.90 -9.90
C TYR A 185 39.19 -39.02 -8.73
N LYS A 186 39.83 -37.91 -8.35
CA LYS A 186 40.79 -37.94 -7.26
C LYS A 186 40.13 -38.33 -5.94
N TYR A 187 38.88 -37.91 -5.73
CA TYR A 187 38.17 -38.28 -4.51
C TYR A 187 37.88 -39.77 -4.47
N ARG A 188 37.49 -40.36 -5.61
CA ARG A 188 37.22 -41.79 -5.64
C ARG A 188 38.50 -42.60 -5.48
N MET A 189 39.64 -42.05 -5.91
CA MET A 189 40.93 -42.66 -5.60
C MET A 189 41.13 -42.76 -4.10
N GLY A 190 40.88 -41.66 -3.38
CA GLY A 190 41.10 -41.67 -1.95
C GLY A 190 40.10 -42.54 -1.20
N TYR A 191 38.85 -42.57 -1.67
CA TYR A 191 37.84 -43.40 -1.02
C TYR A 191 38.20 -44.87 -1.10
N ASN A 192 38.53 -45.35 -2.29
CA ASN A 192 38.86 -46.77 -2.45
C ASN A 192 40.15 -47.15 -1.73
N LEU A 193 41.08 -46.21 -1.61
CA LEU A 193 42.28 -46.49 -0.82
C LEU A 193 41.96 -46.56 0.66
N GLU A 194 41.02 -45.73 1.12
CA GLU A 194 40.58 -45.80 2.51
C GLU A 194 39.88 -47.12 2.79
N LYS A 195 38.98 -47.54 1.89
CA LYS A 195 38.31 -48.83 2.04
C LYS A 195 39.28 -50.00 1.95
N LEU A 196 40.42 -49.81 1.28
CA LEU A 196 41.43 -50.86 1.17
C LEU A 196 42.30 -50.97 2.41
N GLY A 197 42.38 -49.91 3.21
CA GLY A 197 43.23 -49.88 4.39
C GLY A 197 44.47 -49.01 4.23
N LYS A 198 44.84 -48.68 3.00
CA LYS A 198 45.99 -47.81 2.72
C LYS A 198 45.60 -46.39 3.12
N LEU A 199 45.70 -46.12 4.42
CA LEU A 199 45.19 -44.86 4.97
C LEU A 199 46.03 -43.67 4.50
N ASN A 200 47.36 -43.82 4.51
CA ASN A 200 48.23 -42.70 4.17
C ASN A 200 48.08 -42.32 2.70
N GLU A 201 48.17 -43.31 1.81
CA GLU A 201 47.98 -43.04 0.38
C GLU A 201 46.63 -42.38 0.12
N ALA A 202 45.61 -42.77 0.87
CA ALA A 202 44.29 -42.17 0.72
C ALA A 202 44.28 -40.73 1.20
N GLN A 203 45.00 -40.44 2.27
CA GLN A 203 44.97 -39.09 2.84
C GLN A 203 45.66 -38.10 1.90
N LYS A 204 46.77 -38.50 1.28
CA LYS A 204 47.38 -37.66 0.26
C LYS A 204 46.42 -37.38 -0.89
N CYS A 205 45.56 -38.35 -1.22
CA CYS A 205 44.56 -38.13 -2.25
C CYS A 205 43.52 -37.10 -1.81
N TYR A 206 42.96 -37.28 -0.60
CA TYR A 206 42.00 -36.31 -0.08
C TYR A 206 42.60 -34.91 -0.03
N SER A 207 43.89 -34.80 0.30
CA SER A 207 44.53 -33.49 0.37
C SER A 207 44.54 -32.82 -0.99
N LEU A 208 44.80 -33.59 -2.05
CA LEU A 208 44.77 -33.03 -3.40
C LEU A 208 43.36 -32.59 -3.77
N VAL A 209 42.34 -33.33 -3.32
CA VAL A 209 40.95 -32.93 -3.56
C VAL A 209 40.66 -31.59 -2.89
N ILE A 210 41.19 -31.38 -1.68
CA ILE A 210 40.95 -30.13 -0.97
C ILE A 210 41.69 -28.99 -1.64
N ASP A 211 42.98 -29.18 -1.94
CA ASP A 211 43.82 -28.11 -2.45
C ASP A 211 43.39 -27.63 -3.83
N MET A 212 42.68 -28.46 -4.58
CA MET A 212 42.25 -28.13 -5.94
C MET A 212 40.79 -27.69 -5.99
N SER A 213 40.23 -27.23 -4.88
CA SER A 213 38.84 -26.82 -4.80
C SER A 213 38.74 -25.34 -4.49
N HIS A 214 37.66 -24.72 -5.00
CA HIS A 214 37.43 -23.30 -4.79
C HIS A 214 37.08 -23.07 -3.31
N PRO A 215 37.64 -22.02 -2.68
CA PRO A 215 37.59 -21.95 -1.21
C PRO A 215 36.23 -21.59 -0.62
N THR A 216 35.15 -21.66 -1.42
CA THR A 216 33.80 -21.65 -0.88
C THR A 216 32.97 -22.83 -1.38
N ASP A 217 33.57 -23.73 -2.15
CA ASP A 217 32.91 -25.00 -2.44
C ASP A 217 32.91 -25.87 -1.18
N GLU A 218 31.83 -26.65 -1.00
CA GLU A 218 31.51 -27.24 0.29
C GLU A 218 32.67 -28.04 0.89
N VAL A 219 33.51 -28.65 0.06
CA VAL A 219 34.64 -29.42 0.58
C VAL A 219 35.72 -28.52 1.19
N ALA A 220 35.65 -27.21 0.96
CA ALA A 220 36.63 -26.30 1.54
C ALA A 220 36.31 -25.97 2.99
N GLN A 221 35.10 -25.47 3.25
CA GLN A 221 34.73 -25.09 4.60
C GLN A 221 34.37 -26.27 5.48
N PHE A 222 34.01 -27.42 4.90
CA PHE A 222 33.50 -28.54 5.66
C PHE A 222 34.32 -29.81 5.52
N GLY A 223 35.38 -29.80 4.72
CA GLY A 223 36.24 -30.96 4.60
C GLY A 223 35.76 -31.96 3.59
N ILE A 224 36.46 -33.10 3.56
CA ILE A 224 36.18 -34.14 2.58
C ILE A 224 34.88 -34.86 2.89
N GLY A 225 34.40 -34.79 4.13
CA GLY A 225 33.16 -35.47 4.50
C GLY A 225 31.94 -34.98 3.73
N ALA A 226 32.00 -33.76 3.19
CA ALA A 226 30.88 -33.27 2.40
C ALA A 226 30.70 -34.08 1.12
N LEU A 227 31.78 -34.63 0.57
CA LEU A 227 31.66 -35.47 -0.61
C LEU A 227 31.18 -36.88 -0.27
N HIS A 228 31.46 -37.36 0.94
CA HIS A 228 30.81 -38.58 1.41
C HIS A 228 29.30 -38.37 1.57
N ALA A 229 28.91 -37.19 2.09
CA ALA A 229 27.49 -36.92 2.29
C ALA A 229 26.73 -36.83 0.97
N LYS A 230 27.39 -36.36 -0.10
CA LYS A 230 26.75 -36.28 -1.40
C LYS A 230 26.44 -37.66 -1.98
N ARG A 231 26.92 -38.74 -1.35
CA ARG A 231 26.63 -40.09 -1.79
C ARG A 231 25.91 -40.91 -0.73
N GLY A 232 25.51 -40.29 0.39
CA GLY A 232 24.80 -41.01 1.41
C GLY A 232 25.63 -41.97 2.24
N LEU A 233 26.95 -41.78 2.26
CA LEU A 233 27.83 -42.62 3.07
C LEU A 233 28.04 -41.90 4.40
N TRP A 234 27.06 -42.09 5.31
CA TRP A 234 26.95 -41.24 6.49
C TRP A 234 27.91 -41.63 7.61
N ASP A 235 28.30 -42.91 7.68
CA ASP A 235 29.29 -43.31 8.68
C ASP A 235 30.64 -42.67 8.39
N MET A 236 31.06 -42.66 7.13
CA MET A 236 32.31 -42.02 6.75
C MET A 236 32.18 -40.50 6.71
N ALA A 237 30.98 -39.99 6.41
CA ALA A 237 30.79 -38.54 6.42
C ALA A 237 30.85 -37.98 7.83
N LEU A 238 30.26 -38.68 8.80
CA LEU A 238 30.30 -38.22 10.18
C LEU A 238 31.72 -38.22 10.73
N SER A 239 32.50 -39.27 10.40
CA SER A 239 33.87 -39.35 10.90
C SER A 239 34.73 -38.22 10.34
N ALA A 240 34.55 -37.90 9.05
CA ALA A 240 35.35 -36.83 8.45
C ALA A 240 34.89 -35.46 8.94
N TYR A 241 33.58 -35.28 9.12
CA TYR A 241 33.06 -34.04 9.71
C TYR A 241 33.67 -33.80 11.09
N LEU A 242 33.63 -34.82 11.95
CA LEU A 242 34.15 -34.67 13.31
C LEU A 242 35.65 -34.41 13.28
N GLN A 243 36.37 -35.04 12.36
CA GLN A 243 37.81 -34.82 12.24
C GLN A 243 38.09 -33.38 11.81
N HIS A 244 37.35 -32.89 10.81
CA HIS A 244 37.61 -31.55 10.28
C HIS A 244 37.24 -30.47 11.29
N GLN A 245 36.23 -30.72 12.13
CA GLN A 245 35.88 -29.77 13.17
C GLN A 245 36.99 -29.68 14.23
N ILE A 246 37.53 -30.83 14.63
CA ILE A 246 38.57 -30.84 15.65
C ILE A 246 39.86 -30.23 15.11
N GLN A 247 40.18 -30.52 13.84
CA GLN A 247 41.42 -30.02 13.26
C GLN A 247 41.38 -28.51 13.08
N SER A 248 40.24 -27.97 12.65
CA SER A 248 40.12 -26.53 12.41
C SER A 248 39.60 -25.77 13.62
N ASN A 249 39.20 -26.45 14.69
CA ASN A 249 38.53 -25.83 15.83
C ASN A 249 37.33 -25.01 15.36
N SER A 250 36.66 -25.49 14.30
CA SER A 250 35.63 -24.70 13.64
C SER A 250 34.42 -24.53 14.53
N GLN A 251 33.81 -23.35 14.45
CA GLN A 251 32.58 -23.04 15.18
C GLN A 251 31.49 -22.59 14.20
N ASN A 252 31.57 -23.04 12.96
CA ASN A 252 30.61 -22.66 11.94
C ASN A 252 29.29 -23.39 12.18
N PRO A 253 28.17 -22.69 12.32
CA PRO A 253 26.89 -23.39 12.50
C PRO A 253 26.54 -24.31 11.33
N GLN A 254 26.95 -23.95 10.11
CA GLN A 254 26.67 -24.80 8.95
C GLN A 254 27.35 -26.16 9.08
N LEU A 255 28.53 -26.20 9.70
CA LEU A 255 29.20 -27.48 9.89
C LEU A 255 28.49 -28.32 10.93
N TYR A 256 28.09 -27.71 12.05
CA TYR A 256 27.32 -28.44 13.04
C TYR A 256 25.99 -28.92 12.48
N TYR A 257 25.40 -28.16 11.56
CA TYR A 257 24.16 -28.61 10.92
C TYR A 257 24.40 -29.86 10.08
N ARG A 258 25.50 -29.89 9.33
CA ARG A 258 25.82 -31.08 8.54
C ARG A 258 26.16 -32.27 9.44
N ILE A 259 26.75 -32.02 10.61
CA ILE A 259 27.05 -33.10 11.54
C ILE A 259 25.75 -33.68 12.10
N GLY A 260 24.81 -32.81 12.47
CA GLY A 260 23.52 -33.29 12.93
C GLY A 260 22.72 -34.02 11.88
N ILE A 261 22.90 -33.63 10.60
CA ILE A 261 22.24 -34.35 9.52
C ILE A 261 22.82 -35.75 9.40
N ALA A 262 24.13 -35.89 9.54
CA ALA A 262 24.77 -37.20 9.49
C ALA A 262 24.32 -38.07 10.66
N TYR A 263 24.33 -37.52 11.87
CA TYR A 263 23.79 -38.23 13.02
C TYR A 263 22.35 -38.66 12.78
N GLU A 264 21.57 -37.84 12.08
CA GLU A 264 20.16 -38.16 11.87
C GLU A 264 20.00 -39.34 10.92
N ARG A 265 20.78 -39.38 9.84
CA ARG A 265 20.70 -40.48 8.89
C ARG A 265 21.38 -41.74 9.39
N LEU A 266 22.05 -41.69 10.53
CA LEU A 266 22.55 -42.88 11.21
C LEU A 266 21.63 -43.33 12.34
N TYR A 267 20.49 -42.66 12.51
CA TYR A 267 19.52 -42.98 13.56
C TYR A 267 20.13 -42.88 14.96
N GLN A 268 21.11 -41.99 15.13
CA GLN A 268 21.60 -41.60 16.45
C GLN A 268 20.91 -40.27 16.79
N TRP A 269 19.68 -40.39 17.30
CA TRP A 269 18.79 -39.23 17.37
C TRP A 269 19.22 -38.25 18.46
N THR A 270 19.68 -38.76 19.61
CA THR A 270 20.08 -37.88 20.69
C THR A 270 21.29 -37.03 20.30
N LYS A 271 22.29 -37.66 19.67
CA LYS A 271 23.44 -36.89 19.18
C LYS A 271 23.02 -35.95 18.06
N SER A 272 22.06 -36.35 17.23
CA SER A 272 21.57 -35.47 16.18
C SER A 272 20.85 -34.26 16.78
N ALA A 273 20.00 -34.49 17.79
CA ALA A 273 19.23 -33.39 18.36
C ALA A 273 20.12 -32.38 19.06
N THR A 274 21.05 -32.86 19.90
CA THR A 274 21.94 -31.95 20.60
C THR A 274 22.88 -31.22 19.66
N THR A 275 23.28 -31.87 18.56
CA THR A 275 24.14 -31.20 17.59
C THR A 275 23.37 -30.11 16.84
N PHE A 276 22.10 -30.38 16.49
CA PHE A 276 21.28 -29.35 15.87
C PHE A 276 21.08 -28.16 16.80
N GLU A 277 20.93 -28.42 18.11
CA GLU A 277 20.73 -27.32 19.05
C GLU A 277 21.97 -26.44 19.15
N GLN A 278 23.17 -27.02 19.02
CA GLN A 278 24.38 -26.21 18.98
C GLN A 278 24.40 -25.34 17.73
N ALA A 279 24.13 -25.94 16.57
CA ALA A 279 24.11 -25.16 15.32
C ALA A 279 23.09 -24.04 15.39
N ILE A 280 22.00 -24.24 16.12
CA ILE A 280 21.01 -23.17 16.29
C ILE A 280 21.53 -22.12 17.25
N ILE A 281 22.12 -22.56 18.37
CA ILE A 281 22.62 -21.63 19.37
C ILE A 281 23.78 -20.81 18.80
N LEU A 282 24.67 -21.46 18.05
CA LEU A 282 25.78 -20.75 17.42
C LEU A 282 25.35 -19.88 16.25
N SER A 283 24.08 -19.96 15.83
CA SER A 283 23.62 -19.23 14.67
C SER A 283 23.32 -17.77 15.02
N GLU A 284 23.63 -16.87 14.09
CA GLU A 284 23.35 -15.46 14.28
C GLU A 284 21.85 -15.23 14.44
N ILE A 285 21.05 -15.83 13.55
CA ILE A 285 19.60 -15.75 13.59
C ILE A 285 19.07 -17.17 13.56
N MET A 286 18.14 -17.49 14.46
CA MET A 286 17.57 -18.83 14.51
C MET A 286 16.82 -19.15 13.24
N ASN A 287 17.15 -20.29 12.63
CA ASN A 287 16.51 -20.74 11.40
C ASN A 287 15.29 -21.60 11.73
N ALA A 288 14.16 -21.28 11.10
CA ALA A 288 12.95 -22.04 11.34
C ALA A 288 13.09 -23.47 10.85
N ASN A 289 13.73 -23.68 9.69
CA ASN A 289 13.95 -25.03 9.20
C ASN A 289 14.85 -25.82 10.14
N TRP A 290 15.90 -25.18 10.66
CA TRP A 290 16.78 -25.87 11.60
C TRP A 290 16.06 -26.21 12.89
N CYS A 291 15.17 -25.31 13.35
CA CYS A 291 14.43 -25.57 14.57
C CYS A 291 13.51 -26.79 14.43
N PHE A 292 12.99 -27.02 13.22
CA PHE A 292 12.17 -28.21 13.00
C PHE A 292 13.02 -29.47 12.99
N LYS A 293 14.18 -29.43 12.32
CA LYS A 293 15.06 -30.59 12.30
C LYS A 293 15.52 -30.96 13.70
N CYS A 294 15.72 -29.96 14.56
CA CYS A 294 16.11 -30.23 15.93
C CYS A 294 14.94 -30.83 16.71
N GLY A 295 13.75 -30.26 16.56
CA GLY A 295 12.59 -30.81 17.24
C GLY A 295 12.21 -32.19 16.72
N GLN A 296 12.45 -32.44 15.43
CA GLN A 296 12.20 -33.77 14.88
C GLN A 296 13.13 -34.80 15.50
N ALA A 297 14.43 -34.49 15.55
CA ALA A 297 15.39 -35.42 16.15
C ALA A 297 15.11 -35.61 17.64
N TYR A 298 14.64 -34.57 18.32
CA TYR A 298 14.31 -34.72 19.73
C TYR A 298 13.08 -35.58 19.93
N GLU A 299 12.15 -35.56 18.98
CA GLU A 299 11.00 -36.46 19.02
C GLU A 299 11.43 -37.90 18.86
N ARG A 300 12.26 -38.17 17.84
CA ARG A 300 12.71 -39.54 17.60
C ARG A 300 13.57 -40.05 18.75
N ALA A 301 14.26 -39.15 19.46
CA ALA A 301 14.98 -39.49 20.67
C ALA A 301 14.08 -39.54 21.89
N GLU A 302 12.81 -39.19 21.74
CA GLU A 302 11.81 -39.25 22.81
C GLU A 302 12.12 -38.32 23.97
N ASN A 303 12.70 -37.16 23.68
CA ASN A 303 12.78 -36.06 24.63
C ASN A 303 11.67 -35.09 24.26
N PHE A 304 10.49 -35.28 24.87
CA PHE A 304 9.31 -34.56 24.43
C PHE A 304 9.32 -33.10 24.84
N GLU A 305 9.92 -32.77 25.98
CA GLU A 305 10.00 -31.37 26.38
C GLU A 305 10.89 -30.57 25.43
N LYS A 306 12.05 -31.14 25.07
CA LYS A 306 12.92 -30.49 24.09
C LYS A 306 12.30 -30.50 22.70
N SER A 307 11.57 -31.55 22.35
CA SER A 307 10.92 -31.62 21.04
C SER A 307 9.85 -30.54 20.91
N ALA A 308 9.01 -30.38 21.94
CA ALA A 308 8.01 -29.33 21.91
C ALA A 308 8.64 -27.94 21.92
N GLU A 309 9.79 -27.80 22.59
CA GLU A 309 10.44 -26.50 22.67
C GLU A 309 10.85 -26.01 21.28
N PHE A 310 11.41 -26.89 20.46
CA PHE A 310 11.92 -26.49 19.16
C PHE A 310 10.89 -26.63 18.04
N TYR A 311 9.87 -27.47 18.21
CA TYR A 311 8.70 -27.38 17.34
C TYR A 311 8.01 -26.04 17.50
N GLN A 312 7.95 -25.53 18.74
CA GLN A 312 7.36 -24.22 18.99
C GLN A 312 8.17 -23.12 18.30
N GLU A 313 9.50 -23.19 18.43
CA GLU A 313 10.35 -22.23 17.73
C GLU A 313 10.13 -22.28 16.23
N ALA A 314 9.98 -23.48 15.67
CA ALA A 314 9.87 -23.63 14.22
C ALA A 314 8.61 -22.95 13.68
N VAL A 315 7.47 -23.16 14.33
CA VAL A 315 6.24 -22.54 13.86
C VAL A 315 6.17 -21.06 14.20
N LYS A 316 6.90 -20.61 15.22
CA LYS A 316 6.93 -19.19 15.54
C LYS A 316 7.70 -18.39 14.51
N ARG A 317 8.71 -18.99 13.88
CA ARG A 317 9.63 -18.28 13.01
C ARG A 317 9.47 -18.67 11.54
N SER A 318 8.53 -19.56 11.22
CA SER A 318 8.35 -20.00 9.84
C SER A 318 7.68 -18.90 9.03
N ASP A 319 8.35 -18.45 7.97
CA ASP A 319 7.76 -17.42 7.11
C ASP A 319 6.54 -17.96 6.38
N ASN A 320 6.65 -19.15 5.80
CA ASN A 320 5.54 -19.78 5.10
C ASN A 320 4.78 -20.71 6.05
N TYR A 321 3.50 -20.92 5.75
CA TYR A 321 2.69 -21.81 6.57
C TYR A 321 3.12 -23.25 6.35
N ASN A 322 3.22 -24.00 7.44
CA ASN A 322 3.61 -25.41 7.40
C ASN A 322 2.67 -26.18 8.32
N ASP A 323 1.62 -26.76 7.73
CA ASP A 323 0.66 -27.55 8.51
C ASP A 323 1.33 -28.73 9.20
N TYR A 324 2.34 -29.31 8.56
CA TYR A 324 3.06 -30.42 9.16
C TYR A 324 3.69 -30.03 10.49
N TRP A 325 4.29 -28.84 10.55
CA TRP A 325 4.98 -28.43 11.78
C TRP A 325 4.00 -28.17 12.90
N TRP A 326 2.84 -27.59 12.59
CA TRP A 326 1.81 -27.38 13.60
C TRP A 326 1.27 -28.71 14.12
N TYR A 327 1.13 -29.70 13.23
CA TYR A 327 0.66 -31.02 13.65
C TYR A 327 1.65 -31.69 14.59
N ARG A 328 2.94 -31.65 14.25
CA ARG A 328 3.94 -32.30 15.10
C ARG A 328 4.06 -31.59 16.44
N LEU A 329 3.94 -30.26 16.45
CA LEU A 329 3.94 -29.53 17.72
C LEU A 329 2.78 -29.94 18.59
N ALA A 330 1.60 -30.12 17.99
CA ALA A 330 0.42 -30.48 18.77
C ALA A 330 0.55 -31.87 19.38
N LEU A 331 1.15 -32.81 18.65
CA LEU A 331 1.38 -34.14 19.20
C LEU A 331 2.31 -34.08 20.40
N MET A 332 3.39 -33.30 20.30
CA MET A 332 4.36 -33.24 21.39
C MET A 332 3.77 -32.52 22.60
N LEU A 333 2.91 -31.52 22.37
CA LEU A 333 2.24 -30.86 23.48
C LEU A 333 1.26 -31.79 24.17
N GLU A 334 0.65 -32.71 23.41
CA GLU A 334 -0.25 -33.69 24.02
C GLU A 334 0.51 -34.69 24.88
N LYS A 335 1.68 -35.12 24.41
CA LYS A 335 2.51 -36.03 25.21
C LYS A 335 2.95 -35.35 26.50
N LEU A 336 3.20 -34.05 26.47
CA LEU A 336 3.58 -33.31 27.67
C LEU A 336 2.42 -33.10 28.63
N GLY A 337 1.18 -33.35 28.20
CA GLY A 337 0.02 -33.13 29.05
C GLY A 337 -0.53 -31.73 29.00
N LYS A 338 -0.12 -30.92 28.03
CA LYS A 338 -0.60 -29.53 27.90
C LYS A 338 -1.71 -29.52 26.85
N TYR A 339 -2.89 -29.96 27.27
CA TYR A 339 -3.97 -30.23 26.32
C TYR A 339 -4.55 -28.96 25.72
N GLU A 340 -4.57 -27.85 26.46
CA GLU A 340 -5.09 -26.61 25.92
C GLU A 340 -4.22 -26.10 24.77
N GLN A 341 -2.91 -26.04 24.99
CA GLN A 341 -2.01 -25.63 23.91
C GLN A 341 -1.97 -26.67 22.80
N SER A 342 -2.21 -27.94 23.13
CA SER A 342 -2.29 -28.97 22.11
C SER A 342 -3.46 -28.72 21.16
N VAL A 343 -4.60 -28.29 21.70
CA VAL A 343 -5.76 -28.01 20.87
C VAL A 343 -5.50 -26.80 19.98
N VAL A 344 -4.83 -25.78 20.51
CA VAL A 344 -4.54 -24.58 19.72
C VAL A 344 -3.66 -24.93 18.53
N ALA A 345 -2.62 -25.74 18.76
CA ALA A 345 -1.76 -26.14 17.66
C ALA A 345 -2.49 -27.06 16.69
N PHE A 346 -3.36 -27.93 17.22
CA PHE A 346 -4.15 -28.79 16.34
C PHE A 346 -5.11 -27.96 15.49
N GLN A 347 -5.73 -26.94 16.08
CA GLN A 347 -6.60 -26.06 15.31
C GLN A 347 -5.83 -25.34 14.22
N ASN A 348 -4.56 -25.02 14.46
CA ASN A 348 -3.72 -24.32 13.51
C ASN A 348 -3.00 -25.26 12.56
N SER A 349 -3.24 -26.58 12.65
CA SER A 349 -2.71 -27.53 11.68
C SER A 349 -3.43 -27.47 10.33
N ARG A 350 -4.37 -26.54 10.18
CA ARG A 350 -5.05 -26.29 8.91
C ARG A 350 -5.01 -24.79 8.67
N ARG A 351 -4.57 -24.37 7.48
CA ARG A 351 -4.50 -22.95 7.18
C ARG A 351 -5.87 -22.29 7.29
N ARG A 352 -6.91 -22.99 6.84
CA ARG A 352 -8.28 -22.50 6.92
C ARG A 352 -9.02 -23.31 7.98
N LYS A 353 -9.48 -22.63 9.03
CA LYS A 353 -10.17 -23.29 10.13
C LYS A 353 -11.68 -23.31 9.97
N LEU A 354 -12.24 -22.35 9.24
CA LEU A 354 -13.69 -22.15 9.21
C LEU A 354 -14.36 -23.10 8.26
N ALA A 355 -15.63 -23.41 8.54
CA ALA A 355 -16.45 -24.27 7.70
C ALA A 355 -17.13 -23.39 6.65
N TYR A 356 -16.41 -23.14 5.55
CA TYR A 356 -16.90 -22.23 4.52
C TYR A 356 -18.00 -22.83 3.66
N ALA A 357 -18.12 -24.16 3.64
CA ALA A 357 -19.12 -24.87 2.84
C ALA A 357 -19.00 -24.54 1.35
N VAL A 358 -17.85 -24.04 0.91
CA VAL A 358 -17.62 -23.71 -0.48
C VAL A 358 -16.20 -24.14 -0.85
N ASN A 359 -15.99 -24.36 -2.15
CA ASN A 359 -14.72 -24.87 -2.61
C ASN A 359 -13.84 -23.74 -3.13
N PRO A 360 -12.58 -23.65 -2.68
CA PRO A 360 -11.75 -22.51 -3.08
C PRO A 360 -11.50 -22.43 -4.58
N LYS A 361 -11.52 -23.57 -5.28
CA LYS A 361 -11.22 -23.56 -6.70
C LYS A 361 -12.32 -22.85 -7.50
N ASP A 362 -13.58 -23.07 -7.13
CA ASP A 362 -14.69 -22.47 -7.86
C ASP A 362 -14.96 -21.03 -7.48
N VAL A 363 -14.40 -20.54 -6.38
CA VAL A 363 -14.70 -19.22 -5.85
C VAL A 363 -13.66 -18.20 -6.24
N ILE A 364 -12.38 -18.55 -6.13
CA ILE A 364 -11.29 -17.58 -6.18
C ILE A 364 -10.93 -17.32 -7.65
N LYS A 365 -11.02 -16.06 -8.07
CA LYS A 365 -10.70 -15.66 -9.44
C LYS A 365 -9.29 -15.12 -9.59
N HIS A 366 -8.74 -14.46 -8.57
N HIS A 366 -8.75 -14.45 -8.58
CA HIS A 366 -7.45 -13.79 -8.68
CA HIS A 366 -7.45 -13.81 -8.67
C HIS A 366 -6.60 -14.17 -7.47
C HIS A 366 -6.59 -14.21 -7.47
N LYS A 367 -5.27 -14.12 -7.66
CA LYS A 367 -4.35 -14.50 -6.59
C LYS A 367 -4.45 -13.57 -5.38
N GLU A 368 -4.75 -12.29 -5.62
CA GLU A 368 -4.93 -11.35 -4.51
C GLU A 368 -6.10 -11.76 -3.63
N GLU A 369 -7.14 -12.35 -4.23
CA GLU A 369 -8.29 -12.79 -3.45
C GLU A 369 -7.91 -13.93 -2.52
N GLU A 370 -7.05 -14.85 -2.99
CA GLU A 370 -6.58 -15.93 -2.14
C GLU A 370 -5.72 -15.40 -1.00
N PHE A 371 -4.77 -14.52 -1.32
CA PHE A 371 -3.90 -13.95 -0.30
C PHE A 371 -4.71 -13.21 0.76
N LEU A 372 -5.67 -12.39 0.33
CA LEU A 372 -6.46 -11.62 1.29
C LEU A 372 -7.41 -12.51 2.09
N SER A 373 -7.79 -13.67 1.54
CA SER A 373 -8.69 -14.56 2.26
C SER A 373 -8.02 -15.15 3.49
N TYR A 374 -6.74 -15.50 3.39
CA TYR A 374 -6.02 -15.99 4.56
C TYR A 374 -5.91 -14.89 5.62
N TYR A 375 -5.64 -13.66 5.20
CA TYR A 375 -5.55 -12.56 6.15
C TYR A 375 -6.88 -12.36 6.88
N THR A 376 -7.99 -12.38 6.14
CA THR A 376 -9.28 -12.05 6.73
C THR A 376 -9.68 -13.07 7.79
N GLU A 377 -9.35 -14.33 7.57
CA GLU A 377 -9.58 -15.34 8.61
C GLU A 377 -8.71 -15.06 9.83
N TYR A 378 -7.42 -14.78 9.62
CA TYR A 378 -6.55 -14.42 10.73
C TYR A 378 -7.08 -13.20 11.48
N TYR A 379 -7.63 -12.23 10.74
CA TYR A 379 -8.18 -11.04 11.38
C TYR A 379 -9.34 -11.38 12.31
N GLU A 380 -10.22 -12.28 11.88
CA GLU A 380 -11.45 -12.54 12.61
C GLU A 380 -11.33 -13.61 13.69
N THR A 381 -10.30 -14.46 13.63
CA THR A 381 -10.26 -15.64 14.47
C THR A 381 -9.11 -15.69 15.47
N LEU A 382 -7.95 -15.11 15.15
CA LEU A 382 -6.79 -15.26 16.01
C LEU A 382 -6.85 -14.30 17.19
N GLU A 383 -6.36 -14.77 18.34
CA GLU A 383 -6.37 -14.00 19.57
C GLU A 383 -5.11 -13.16 19.71
N LEU A 384 -5.24 -12.02 20.39
CA LEU A 384 -4.11 -11.14 20.63
C LEU A 384 -3.22 -11.68 21.73
N ASP A 385 -1.90 -11.59 21.51
CA ASP A 385 -0.90 -12.00 22.48
C ASP A 385 -0.45 -10.73 23.21
N GLU A 386 -0.82 -10.60 24.48
CA GLU A 386 -0.59 -9.38 25.23
C GLU A 386 0.88 -9.14 25.54
N LYS A 387 1.77 -10.07 25.23
CA LYS A 387 3.21 -9.93 25.46
C LYS A 387 3.99 -9.97 24.16
N LEU A 388 3.41 -9.46 23.07
CA LEU A 388 4.02 -9.55 21.75
C LEU A 388 4.08 -8.17 21.13
N VAL A 389 5.25 -7.81 20.60
CA VAL A 389 5.48 -6.51 19.98
C VAL A 389 6.01 -6.72 18.57
N LEU A 390 5.42 -6.01 17.60
CA LEU A 390 5.86 -6.05 16.22
C LEU A 390 6.54 -4.74 15.87
N ILE A 391 7.68 -4.85 15.17
CA ILE A 391 8.52 -3.69 14.85
C ILE A 391 8.75 -3.69 13.34
N GLU A 392 8.42 -2.57 12.69
CA GLU A 392 8.64 -2.41 11.26
C GLU A 392 9.12 -0.99 10.98
N SER A 393 10.12 -0.87 10.11
CA SER A 393 10.67 0.43 9.74
C SER A 393 11.01 0.41 8.26
N PHE A 394 10.48 1.40 7.53
CA PHE A 394 10.67 1.51 6.08
C PHE A 394 10.39 0.19 5.36
N PHE A 395 9.20 -0.36 5.64
CA PHE A 395 8.69 -1.55 4.94
C PHE A 395 9.60 -2.76 5.13
N GLY A 396 10.35 -2.79 6.23
CA GLY A 396 11.27 -3.89 6.44
C GLY A 396 12.52 -3.86 5.61
N GLY A 397 12.75 -2.77 4.85
CA GLY A 397 13.97 -2.65 4.07
C GLY A 397 15.21 -2.52 4.93
N ASN A 398 15.06 -2.01 6.15
CA ASN A 398 16.14 -1.93 7.11
C ASN A 398 15.54 -1.83 8.51
N ILE A 399 16.39 -1.99 9.51
CA ILE A 399 16.01 -1.88 10.91
C ILE A 399 16.68 -0.63 11.45
N SER A 400 15.96 0.48 11.47
CA SER A 400 16.53 1.77 11.82
C SER A 400 15.42 2.69 12.31
N CYS A 401 15.74 3.98 12.41
CA CYS A 401 14.80 5.03 12.78
C CYS A 401 14.17 4.80 14.15
N ASN A 402 13.01 5.42 14.37
CA ASN A 402 12.37 5.36 15.68
C ASN A 402 11.99 3.95 16.12
N PRO A 403 11.42 3.07 15.28
CA PRO A 403 11.09 1.72 15.77
C PRO A 403 12.29 0.93 16.25
N TYR A 404 13.47 1.12 15.64
CA TYR A 404 14.66 0.45 16.11
C TYR A 404 15.08 0.97 17.50
N ALA A 405 14.98 2.29 17.71
CA ALA A 405 15.35 2.86 18.99
C ALA A 405 14.43 2.36 20.11
N ILE A 406 13.15 2.18 19.80
CA ILE A 406 12.21 1.67 20.81
C ILE A 406 12.51 0.20 21.11
N LEU A 407 12.78 -0.60 20.07
CA LEU A 407 13.12 -2.00 20.29
C LEU A 407 14.40 -2.14 21.10
N SER A 408 15.41 -1.30 20.82
CA SER A 408 16.65 -1.35 21.56
C SER A 408 16.43 -0.99 23.03
N TYR A 409 15.67 0.07 23.28
CA TYR A 409 15.41 0.51 24.66
C TYR A 409 14.73 -0.59 25.46
N MET A 410 13.67 -1.18 24.92
CA MET A 410 12.94 -2.21 25.64
C MET A 410 13.76 -3.50 25.79
N LEU A 411 14.81 -3.68 24.99
CA LEU A 411 15.68 -4.84 25.17
C LEU A 411 16.66 -4.65 26.31
N GLU A 412 17.36 -3.50 26.34
CA GLU A 412 18.34 -3.26 27.39
C GLU A 412 17.68 -3.00 28.75
N ASN A 413 16.40 -2.68 28.78
CA ASN A 413 15.67 -2.51 30.04
C ASN A 413 14.86 -3.74 30.42
N ASN A 414 14.98 -4.83 29.65
CA ASN A 414 14.41 -6.12 29.99
C ASN A 414 12.90 -6.05 30.17
N TYR A 415 12.23 -5.40 29.22
CA TYR A 415 10.78 -5.47 29.16
C TYR A 415 10.34 -6.89 28.86
N ASP A 416 9.20 -7.27 29.42
CA ASP A 416 8.71 -8.65 29.35
C ASP A 416 7.90 -8.82 28.06
N TYR A 417 8.60 -8.99 26.95
CA TYR A 417 7.97 -9.10 25.65
C TYR A 417 8.76 -10.03 24.74
N THR A 418 8.07 -10.54 23.73
CA THR A 418 8.69 -11.15 22.56
C THR A 418 8.54 -10.19 21.39
N TYR A 419 9.58 -10.06 20.58
CA TYR A 419 9.64 -9.03 19.55
C TYR A 419 9.65 -9.66 18.16
N VAL A 420 8.82 -9.12 17.27
CA VAL A 420 8.78 -9.53 15.87
C VAL A 420 9.29 -8.36 15.03
N VAL A 421 10.39 -8.58 14.33
CA VAL A 421 11.02 -7.56 13.50
C VAL A 421 10.77 -7.90 12.04
N VAL A 422 10.20 -6.95 11.31
CA VAL A 422 9.84 -7.14 9.91
C VAL A 422 11.06 -6.85 9.04
N ILE A 423 11.42 -7.81 8.18
CA ILE A 423 12.58 -7.67 7.30
C ILE A 423 12.17 -8.05 5.88
N LYS A 424 13.08 -7.81 4.96
CA LYS A 424 12.98 -8.24 3.56
C LYS A 424 14.11 -9.23 3.26
N ASP A 425 14.26 -9.56 1.99
CA ASP A 425 15.44 -10.32 1.56
C ASP A 425 16.68 -9.45 1.64
N GLY A 426 17.72 -9.95 2.29
CA GLY A 426 18.98 -9.23 2.34
C GLY A 426 19.01 -8.07 3.30
N THR A 427 18.04 -7.98 4.21
CA THR A 427 18.03 -6.88 5.17
C THR A 427 19.17 -7.02 6.16
N VAL A 428 19.97 -5.96 6.30
CA VAL A 428 21.09 -5.97 7.23
C VAL A 428 20.57 -5.92 8.65
N ILE A 429 21.17 -6.70 9.53
CA ILE A 429 20.68 -6.91 10.89
C ILE A 429 21.64 -6.22 11.86
N PRO A 430 21.16 -5.32 12.72
CA PRO A 430 22.05 -4.70 13.71
C PRO A 430 22.59 -5.72 14.70
N ASP A 431 23.75 -5.40 15.28
CA ASP A 431 24.48 -6.37 16.09
C ASP A 431 23.73 -6.69 17.39
N ASN A 432 23.13 -5.68 18.02
CA ASN A 432 22.48 -5.91 19.30
C ASN A 432 21.23 -6.79 19.20
N LEU A 433 20.83 -7.20 18.00
CA LEU A 433 19.67 -8.06 17.81
C LEU A 433 20.06 -9.51 17.53
N LYS A 434 21.33 -9.78 17.25
CA LYS A 434 21.77 -11.15 16.99
C LYS A 434 21.93 -11.91 18.29
N PHE A 435 21.80 -13.23 18.20
CA PHE A 435 21.93 -14.13 19.36
C PHE A 435 20.92 -13.79 20.44
N ASN A 436 19.70 -13.45 20.03
CA ASN A 436 18.62 -13.13 20.96
C ASN A 436 17.42 -14.00 20.61
N ARG A 437 17.05 -14.90 21.53
CA ARG A 437 15.92 -15.79 21.30
C ARG A 437 14.58 -15.05 21.37
N ASN A 438 14.54 -13.89 22.03
CA ASN A 438 13.30 -13.14 22.18
C ASN A 438 12.95 -12.32 20.95
N ILE A 439 13.73 -12.40 19.88
CA ILE A 439 13.48 -11.64 18.66
C ILE A 439 13.22 -12.63 17.52
N ILE A 440 12.10 -12.43 16.83
CA ILE A 440 11.72 -13.26 15.68
C ILE A 440 11.75 -12.38 14.45
N PHE A 441 12.52 -12.79 13.44
CA PHE A 441 12.60 -12.07 12.18
C PHE A 441 11.72 -12.79 11.15
N ILE A 442 10.68 -12.10 10.68
CA ILE A 442 9.80 -12.64 9.66
C ILE A 442 9.74 -11.66 8.49
N LYS A 443 9.51 -12.21 7.30
CA LYS A 443 9.58 -11.43 6.08
C LYS A 443 8.23 -10.82 5.73
N ARG A 444 8.25 -9.57 5.28
CA ARG A 444 7.03 -8.84 5.00
C ARG A 444 6.24 -9.52 3.88
N GLY A 445 4.92 -9.62 4.06
CA GLY A 445 4.05 -10.23 3.08
C GLY A 445 3.94 -11.74 3.16
N SER A 446 4.58 -12.38 4.14
CA SER A 446 4.52 -13.82 4.28
C SER A 446 3.28 -14.21 5.09
N ASP A 447 3.11 -15.53 5.27
CA ASP A 447 2.02 -15.99 6.12
C ASP A 447 2.23 -15.54 7.57
N ALA A 448 3.47 -15.64 8.06
CA ALA A 448 3.76 -15.17 9.42
C ALA A 448 3.51 -13.68 9.56
N TYR A 449 3.72 -12.91 8.48
CA TYR A 449 3.40 -11.48 8.52
C TYR A 449 1.92 -11.26 8.81
N LEU A 450 1.05 -11.97 8.09
CA LEU A 450 -0.39 -11.80 8.29
C LEU A 450 -0.81 -12.25 9.67
N ARG A 451 -0.32 -13.40 10.13
CA ARG A 451 -0.69 -13.90 11.45
C ARG A 451 -0.22 -12.94 12.54
N TYR A 452 0.97 -12.37 12.39
CA TYR A 452 1.50 -11.49 13.44
C TYR A 452 0.84 -10.12 13.42
N LEU A 453 0.38 -9.66 12.26
CA LEU A 453 -0.44 -8.45 12.21
C LEU A 453 -1.77 -8.65 12.93
N CYS A 454 -2.21 -9.90 13.09
CA CYS A 454 -3.48 -10.21 13.73
C CYS A 454 -3.33 -10.72 15.15
N THR A 455 -2.10 -10.92 15.64
CA THR A 455 -1.88 -11.44 16.97
C THR A 455 -1.05 -10.52 17.87
N ALA A 456 -0.16 -9.71 17.30
CA ALA A 456 0.67 -8.82 18.10
C ALA A 456 -0.21 -7.76 18.76
N LYS A 457 -0.07 -7.63 20.09
CA LYS A 457 -0.84 -6.62 20.81
C LYS A 457 -0.32 -5.23 20.56
N TYR A 458 0.99 -5.08 20.38
CA TYR A 458 1.62 -3.77 20.16
C TYR A 458 2.28 -3.75 18.79
N LEU A 459 1.89 -2.79 17.96
CA LEU A 459 2.44 -2.61 16.62
C LEU A 459 3.16 -1.27 16.55
N ILE A 460 4.37 -1.27 16.02
CA ILE A 460 5.18 -0.06 15.90
C ILE A 460 5.65 0.06 14.45
N ASN A 461 5.31 1.18 13.81
CA ASN A 461 5.71 1.44 12.44
C ASN A 461 6.05 2.92 12.31
N ASN A 462 6.88 3.22 11.31
CA ASN A 462 7.32 4.60 11.07
C ASN A 462 6.90 5.13 9.69
N VAL A 463 6.25 4.32 8.87
CA VAL A 463 5.65 4.79 7.63
C VAL A 463 4.20 4.33 7.57
N SER A 464 3.99 3.08 7.17
CA SER A 464 2.64 2.57 7.02
C SER A 464 2.68 1.06 6.86
N PHE A 465 1.69 0.37 7.43
CA PHE A 465 1.39 -1.00 7.06
C PHE A 465 0.64 -1.02 5.73
N PRO A 466 0.66 -2.17 5.02
CA PRO A 466 0.01 -2.21 3.70
C PRO A 466 -1.50 -1.99 3.73
N TYR A 467 -2.10 -1.94 2.53
CA TYR A 467 -3.49 -1.50 2.39
C TYR A 467 -4.46 -2.43 3.12
N TYR A 468 -4.16 -3.72 3.21
CA TYR A 468 -5.10 -4.65 3.81
C TYR A 468 -5.10 -4.64 5.33
N PHE A 469 -4.11 -4.02 5.96
CA PHE A 469 -4.01 -4.07 7.42
C PHE A 469 -5.18 -3.34 8.08
N ILE A 470 -5.81 -4.01 9.03
CA ILE A 470 -6.89 -3.44 9.83
C ILE A 470 -6.55 -3.69 11.29
N ARG A 471 -6.53 -2.62 12.09
CA ARG A 471 -6.20 -2.75 13.51
C ARG A 471 -7.36 -3.41 14.24
N LYS A 472 -7.10 -4.57 14.85
CA LYS A 472 -8.11 -5.27 15.60
C LYS A 472 -8.42 -4.54 16.90
N GLU A 473 -9.59 -4.84 17.47
CA GLU A 473 -9.97 -4.23 18.73
C GLU A 473 -9.13 -4.79 19.87
N GLY A 474 -8.64 -3.90 20.72
CA GLY A 474 -7.68 -4.26 21.75
C GLY A 474 -6.23 -4.17 21.31
N GLN A 475 -5.98 -3.92 20.04
CA GLN A 475 -4.62 -3.76 19.52
C GLN A 475 -4.15 -2.33 19.69
N VAL A 476 -2.86 -2.18 19.96
CA VAL A 476 -2.22 -0.87 20.09
C VAL A 476 -1.31 -0.67 18.90
N TYR A 477 -1.52 0.41 18.16
CA TYR A 477 -0.74 0.74 16.97
C TYR A 477 -0.14 2.12 17.17
N LEU A 478 1.19 2.18 17.26
CA LEU A 478 1.93 3.41 17.39
C LEU A 478 2.64 3.69 16.07
N ASN A 479 2.30 4.80 15.43
CA ASN A 479 2.97 5.26 14.23
C ASN A 479 3.84 6.45 14.60
N THR A 480 5.15 6.29 14.48
CA THR A 480 6.10 7.31 14.91
C THR A 480 6.44 8.32 13.81
N TRP A 481 6.13 8.00 12.55
CA TRP A 481 6.57 8.76 11.39
C TRP A 481 8.10 8.80 11.36
N HIS A 482 8.69 9.66 10.53
CA HIS A 482 10.11 9.55 10.26
C HIS A 482 10.73 10.89 9.90
N GLY A 483 10.37 11.95 10.63
CA GLY A 483 11.08 13.20 10.43
C GLY A 483 10.26 14.46 10.26
N THR A 484 10.88 15.59 10.56
CA THR A 484 10.25 16.88 10.33
C THR A 484 10.12 17.11 8.82
N PRO A 485 8.92 17.42 8.32
CA PRO A 485 8.75 17.56 6.88
C PRO A 485 9.32 18.88 6.38
N MET A 486 9.98 18.82 5.23
CA MET A 486 10.61 19.99 4.64
C MET A 486 10.23 20.25 3.19
N LYS A 487 9.68 19.28 2.47
CA LYS A 487 9.21 19.47 1.11
C LYS A 487 7.69 19.31 1.08
N THR A 488 7.10 19.62 -0.08
CA THR A 488 5.68 19.41 -0.26
C THR A 488 5.32 17.95 0.00
N LEU A 489 4.24 17.74 0.75
CA LEU A 489 4.00 16.45 1.38
C LEU A 489 2.50 16.18 1.49
N GLY A 490 2.08 14.99 1.08
CA GLY A 490 0.73 14.54 1.36
C GLY A 490 -0.28 15.00 0.32
N LYS A 491 -1.35 15.63 0.80
CA LYS A 491 -2.50 15.96 -0.05
C LYS A 491 -2.20 17.03 -1.08
N ASP A 492 -1.09 17.76 -0.96
CA ASP A 492 -0.69 18.70 -2.00
C ASP A 492 0.16 18.05 -3.08
N ILE A 493 0.60 16.81 -2.88
CA ILE A 493 1.36 16.07 -3.89
C ILE A 493 0.33 15.44 -4.84
N LYS A 494 0.12 16.08 -5.99
CA LYS A 494 -0.79 15.59 -7.01
C LYS A 494 -0.12 14.63 -7.98
N SER A 495 1.18 14.34 -7.79
CA SER A 495 1.94 13.67 -8.86
C SER A 495 1.41 12.28 -9.17
N PRO A 496 1.34 11.32 -8.22
CA PRO A 496 0.39 10.21 -8.40
C PRO A 496 -0.87 10.49 -7.62
N PHE A 497 -2.03 10.52 -8.29
CA PHE A 497 -3.25 10.99 -7.65
C PHE A 497 -3.58 10.14 -6.42
N MET A 498 -3.85 10.82 -5.31
CA MET A 498 -4.26 10.17 -4.06
C MET A 498 -3.19 9.20 -3.55
N ASP A 499 -1.92 9.53 -3.77
CA ASP A 499 -0.84 8.63 -3.39
C ASP A 499 -0.70 8.51 -1.88
N HIS A 500 -1.08 9.54 -1.14
CA HIS A 500 -0.98 9.56 0.31
C HIS A 500 -2.13 8.83 1.00
N ALA A 501 -3.02 8.20 0.24
CA ALA A 501 -4.27 7.69 0.82
C ALA A 501 -4.01 6.61 1.85
N ASN A 502 -3.05 5.72 1.60
CA ASN A 502 -2.78 4.66 2.58
C ASN A 502 -2.14 5.20 3.84
N VAL A 503 -1.41 6.31 3.75
CA VAL A 503 -0.83 6.92 4.95
C VAL A 503 -1.93 7.56 5.80
N SER A 504 -2.81 8.32 5.16
CA SER A 504 -3.97 8.85 5.87
C SER A 504 -4.80 7.73 6.46
N ARG A 505 -4.95 6.62 5.72
CA ARG A 505 -5.59 5.42 6.26
C ARG A 505 -4.88 4.93 7.52
N ASN A 506 -3.54 4.86 7.48
CA ASN A 506 -2.80 4.31 8.60
C ASN A 506 -2.91 5.19 9.84
N PHE A 507 -2.94 6.52 9.66
CA PHE A 507 -3.17 7.40 10.80
C PHE A 507 -4.55 7.17 11.41
N LEU A 508 -5.55 6.87 10.58
CA LEU A 508 -6.88 6.54 11.09
C LEU A 508 -6.93 5.16 11.73
N GLN A 509 -5.99 4.28 11.38
CA GLN A 509 -5.86 2.99 12.06
C GLN A 509 -5.07 3.10 13.35
N ALA A 510 -4.31 4.18 13.55
CA ALA A 510 -3.40 4.28 14.66
C ALA A 510 -4.11 4.72 15.93
N THR A 511 -3.63 4.22 17.06
CA THR A 511 -4.08 4.66 18.38
C THR A 511 -3.14 5.67 19.02
N HIS A 512 -1.85 5.61 18.70
CA HIS A 512 -0.86 6.53 19.24
C HIS A 512 0.01 7.06 18.10
N ILE A 513 0.29 8.36 18.15
CA ILE A 513 1.22 9.00 17.23
C ILE A 513 2.11 9.94 18.03
N ILE A 514 3.38 10.01 17.66
CA ILE A 514 4.34 10.87 18.36
C ILE A 514 4.91 11.87 17.36
N SER A 515 5.34 13.02 17.90
CA SER A 515 5.83 14.13 17.10
C SER A 515 7.13 14.68 17.68
N PRO A 516 8.02 15.21 16.83
CA PRO A 516 9.25 15.81 17.35
C PRO A 516 9.11 17.28 17.67
N ASN A 517 8.11 17.93 17.09
CA ASN A 517 7.90 19.37 17.28
C ASN A 517 6.50 19.72 16.80
N ARG A 518 6.00 20.87 17.28
CA ARG A 518 4.66 21.30 16.92
C ARG A 518 4.53 21.57 15.42
N HIS A 519 5.63 21.99 14.77
CA HIS A 519 5.60 22.16 13.32
C HIS A 519 5.22 20.86 12.62
N THR A 520 5.81 19.75 13.05
CA THR A 520 5.51 18.46 12.45
C THR A 520 4.09 18.01 12.78
N THR A 521 3.61 18.34 13.99
CA THR A 521 2.24 18.00 14.37
C THR A 521 1.24 18.67 13.44
N ASP A 522 1.39 19.97 13.24
CA ASP A 522 0.45 20.69 12.39
C ASP A 522 0.49 20.20 10.95
N VAL A 523 1.68 19.94 10.43
CA VAL A 523 1.81 19.56 9.03
C VAL A 523 1.25 18.16 8.79
N ILE A 524 1.54 17.22 9.69
CA ILE A 524 1.08 15.85 9.51
C ILE A 524 -0.45 15.78 9.58
N LEU A 525 -1.04 16.41 10.61
CA LEU A 525 -2.48 16.31 10.80
C LEU A 525 -3.25 17.00 9.67
N GLU A 526 -2.72 18.10 9.14
CA GLU A 526 -3.41 18.86 8.11
C GLU A 526 -3.16 18.31 6.71
N GLN A 527 -1.89 18.04 6.37
CA GLN A 527 -1.56 17.63 5.01
C GLN A 527 -1.98 16.21 4.69
N TYR A 528 -2.30 15.40 5.69
CA TYR A 528 -2.84 14.06 5.45
C TYR A 528 -4.32 13.98 5.77
N ASP A 529 -4.96 15.11 6.06
CA ASP A 529 -6.42 15.24 6.08
C ASP A 529 -7.06 14.36 7.14
N VAL A 530 -6.47 14.34 8.34
CA VAL A 530 -6.94 13.43 9.37
C VAL A 530 -7.06 14.11 10.73
N LYS A 531 -7.02 15.44 10.77
CA LYS A 531 -7.03 16.12 12.06
C LYS A 531 -8.31 15.85 12.83
N ASP A 532 -9.47 16.07 12.21
CA ASP A 532 -10.73 15.91 12.92
C ASP A 532 -11.17 14.46 13.00
N LEU A 533 -10.72 13.62 12.06
CA LEU A 533 -11.12 12.21 12.07
C LEU A 533 -10.30 11.38 13.03
N PHE A 534 -9.04 11.76 13.28
CA PHE A 534 -8.12 10.99 14.10
C PHE A 534 -8.66 10.83 15.52
N SER A 535 -9.05 9.62 15.87
CA SER A 535 -9.65 9.34 17.18
C SER A 535 -8.63 8.83 18.19
N GLY A 536 -7.35 8.80 17.84
CA GLY A 536 -6.31 8.32 18.71
C GLY A 536 -5.71 9.41 19.57
N LYS A 537 -4.43 9.24 19.89
CA LYS A 537 -3.71 10.16 20.76
C LYS A 537 -2.40 10.56 20.09
N LEU A 538 -2.14 11.87 20.05
CA LEU A 538 -0.88 12.40 19.56
C LEU A 538 -0.12 13.03 20.71
N ALA A 539 1.15 12.65 20.86
CA ALA A 539 1.99 13.16 21.93
C ALA A 539 3.28 13.71 21.36
N GLU A 540 3.70 14.88 21.84
CA GLU A 540 4.94 15.50 21.39
C GLU A 540 6.04 15.09 22.38
N THR A 541 6.68 13.95 22.09
CA THR A 541 7.68 13.38 22.97
C THR A 541 9.10 13.58 22.47
N GLY A 542 9.29 14.04 21.24
CA GLY A 542 10.57 13.96 20.60
C GLY A 542 10.83 12.57 20.05
N TYR A 543 11.69 12.51 19.05
CA TYR A 543 11.92 11.24 18.38
C TYR A 543 12.82 10.35 19.22
N PRO A 544 12.40 9.11 19.51
CA PRO A 544 13.29 8.20 20.24
C PRO A 544 14.58 7.88 19.52
N ARG A 545 14.63 8.08 18.20
CA ARG A 545 15.86 7.79 17.46
C ARG A 545 16.98 8.75 17.82
N ILE A 546 16.63 9.97 18.26
CA ILE A 546 17.65 10.93 18.68
C ILE A 546 18.37 10.44 19.94
N ASP A 547 17.71 9.59 20.74
CA ASP A 547 18.36 9.05 21.93
C ASP A 547 19.63 8.27 21.57
N LEU A 548 19.62 7.59 20.41
CA LEU A 548 20.80 6.84 20.00
C LEU A 548 21.99 7.75 19.74
N SER A 549 21.74 9.02 19.38
CA SER A 549 22.81 9.98 19.21
C SER A 549 23.27 10.55 20.55
N PHE A 550 22.32 10.88 21.43
CA PHE A 550 22.66 11.48 22.72
C PHE A 550 23.47 10.51 23.58
N ASN A 551 23.04 9.25 23.65
CA ASN A 551 23.57 8.29 24.61
C ASN A 551 24.51 7.28 23.96
N LEU A 552 25.33 7.74 23.01
CA LEU A 552 26.36 6.87 22.45
C LEU A 552 27.38 6.52 23.53
N THR A 553 27.62 5.23 23.71
CA THR A 553 28.55 4.76 24.73
C THR A 553 29.97 4.74 24.21
N ASP A 554 30.93 4.85 25.13
CA ASP A 554 32.34 4.75 24.75
C ASP A 554 32.66 3.38 24.16
N LYS A 555 31.97 2.34 24.63
CA LYS A 555 32.06 1.02 24.02
C LYS A 555 31.72 1.12 22.53
N ARG A 556 30.47 1.49 22.23
CA ARG A 556 29.99 1.52 20.86
C ARG A 556 30.78 2.49 20.00
N ARG A 557 31.24 3.61 20.58
CA ARG A 557 32.04 4.57 19.80
C ARG A 557 33.35 3.93 19.34
N ASN A 558 33.96 3.10 20.19
CA ASN A 558 35.21 2.44 19.80
C ASN A 558 34.95 1.35 18.76
N GLU A 559 33.82 0.64 18.88
CA GLU A 559 33.48 -0.38 17.89
C GLU A 559 33.23 0.25 16.52
N ILE A 560 32.55 1.40 16.50
CA ILE A 560 32.34 2.09 15.23
C ILE A 560 33.65 2.59 14.65
N ALA A 561 34.59 3.00 15.52
CA ALA A 561 35.88 3.48 15.04
C ALA A 561 36.68 2.38 14.37
N GLU A 562 36.71 1.19 14.97
CA GLU A 562 37.47 0.09 14.39
C GLU A 562 36.75 -0.56 13.21
N LYS A 563 35.42 -0.54 13.22
CA LYS A 563 34.68 -1.00 12.05
C LYS A 563 34.84 -0.05 10.86
N LEU A 564 35.32 1.16 11.12
CA LEU A 564 35.55 2.15 10.08
C LEU A 564 37.01 2.22 9.65
N GLY A 565 37.94 2.03 10.59
CA GLY A 565 39.35 2.08 10.28
C GLY A 565 40.01 3.37 10.72
N PHE A 566 39.60 3.87 11.90
CA PHE A 566 40.06 5.16 12.41
C PHE A 566 40.88 4.91 13.68
N SER A 567 42.20 5.00 13.54
CA SER A 567 43.08 4.75 14.68
C SER A 567 43.27 5.99 15.55
N ASN A 568 43.18 7.18 14.97
CA ASN A 568 43.42 8.43 15.67
C ASN A 568 42.09 9.16 15.91
N ASN A 569 42.11 10.05 16.89
CA ASN A 569 40.94 10.87 17.20
C ASN A 569 40.92 12.15 16.35
N LYS A 570 41.16 11.97 15.05
CA LYS A 570 40.93 13.04 14.09
C LYS A 570 39.44 13.40 14.10
N PRO A 571 39.10 14.65 13.76
CA PRO A 571 37.67 15.00 13.66
C PRO A 571 37.00 14.23 12.54
N VAL A 572 35.73 13.90 12.76
CA VAL A 572 34.93 13.11 11.83
C VAL A 572 33.88 14.02 11.20
N VAL A 573 33.82 14.01 9.87
CA VAL A 573 32.88 14.81 9.11
C VAL A 573 31.91 13.87 8.40
N PHE A 574 30.62 14.05 8.64
CA PHE A 574 29.59 13.15 8.14
C PHE A 574 28.79 13.87 7.06
N TYR A 575 28.80 13.32 5.85
CA TYR A 575 28.07 13.86 4.71
C TYR A 575 26.93 12.91 4.39
N ALA A 576 25.70 13.36 4.59
CA ALA A 576 24.50 12.55 4.38
C ALA A 576 23.47 13.35 3.60
N PRO A 577 23.53 13.31 2.27
CA PRO A 577 22.54 14.01 1.45
C PRO A 577 21.37 13.11 1.09
N THR A 578 20.34 13.73 0.52
CA THR A 578 19.15 13.01 0.08
C THR A 578 19.24 12.62 -1.38
N TRP A 579 18.39 11.67 -1.76
CA TRP A 579 18.29 11.21 -3.14
C TRP A 579 17.78 12.33 -4.05
N ARG A 580 18.30 12.34 -5.27
CA ARG A 580 17.87 13.33 -6.27
C ARG A 580 17.08 12.70 -7.41
N SER A 591 29.75 12.87 -12.50
CA SER A 591 28.74 13.57 -11.70
C SER A 591 29.39 14.49 -10.67
N LYS A 592 28.58 15.24 -9.95
CA LYS A 592 29.12 16.25 -9.05
C LYS A 592 29.63 15.64 -7.75
N LEU A 593 28.98 14.59 -7.24
CA LEU A 593 29.43 13.97 -6.00
C LEU A 593 30.87 13.47 -6.13
N GLN A 594 31.26 13.05 -7.34
CA GLN A 594 32.65 12.70 -7.59
C GLN A 594 33.56 13.91 -7.43
N TYR A 595 33.20 15.02 -8.08
CA TYR A 595 33.99 16.26 -7.97
C TYR A 595 33.97 16.78 -6.53
N ASP A 596 32.86 16.61 -5.82
CA ASP A 596 32.75 17.15 -4.47
C ASP A 596 33.57 16.36 -3.46
N LEU A 597 33.74 15.05 -3.69
CA LEU A 597 34.47 14.23 -2.74
C LEU A 597 35.98 14.31 -2.96
N ARG A 598 36.43 14.53 -4.19
CA ARG A 598 37.83 14.87 -4.41
C ARG A 598 38.17 16.21 -3.76
N LYS A 599 37.28 17.20 -3.91
CA LYS A 599 37.54 18.52 -3.35
C LYS A 599 37.58 18.50 -1.82
N LEU A 600 36.96 17.51 -1.19
CA LEU A 600 36.96 17.38 0.25
C LEU A 600 38.06 16.45 0.75
N LYS A 601 38.97 16.02 -0.13
CA LYS A 601 40.08 15.16 0.27
C LYS A 601 41.03 15.94 1.17
N SER A 602 41.17 15.51 2.41
CA SER A 602 42.04 16.20 3.35
C SER A 602 42.49 15.24 4.44
N ASN A 603 43.70 15.48 4.95
CA ASN A 603 44.22 14.72 6.08
C ASN A 603 43.75 15.27 7.42
N LYS A 604 43.12 16.45 7.43
CA LYS A 604 42.73 17.10 8.66
C LYS A 604 41.51 16.48 9.33
N TYR A 605 40.75 15.64 8.61
CA TYR A 605 39.55 15.05 9.18
C TYR A 605 39.25 13.73 8.48
N ASN A 606 38.39 12.94 9.11
CA ASN A 606 37.92 11.67 8.56
C ASN A 606 36.54 11.88 7.95
N LEU A 607 36.42 11.66 6.65
CA LEU A 607 35.18 11.91 5.92
C LEU A 607 34.36 10.63 5.83
N ILE A 608 33.09 10.72 6.25
CA ILE A 608 32.17 9.59 6.23
C ILE A 608 30.97 9.99 5.39
N PHE A 609 30.55 9.11 4.49
CA PHE A 609 29.45 9.39 3.57
C PHE A 609 28.41 8.27 3.66
N ARG A 610 27.14 8.67 3.64
CA ARG A 610 26.03 7.73 3.54
C ARG A 610 25.02 8.28 2.54
N GLY A 611 24.68 7.48 1.54
CA GLY A 611 23.70 7.88 0.56
C GLY A 611 22.78 6.76 0.13
N HIS A 612 22.38 6.77 -1.13
CA HIS A 612 21.52 5.72 -1.66
C HIS A 612 22.35 4.51 -2.01
N HIS A 613 21.79 3.31 -1.80
CA HIS A 613 22.52 2.07 -2.09
C HIS A 613 22.99 2.04 -3.54
N LEU A 614 22.28 2.74 -4.43
CA LEU A 614 22.73 2.85 -5.81
C LEU A 614 23.94 3.78 -5.93
N VAL A 615 23.91 4.91 -5.22
CA VAL A 615 25.02 5.86 -5.34
C VAL A 615 26.31 5.26 -4.76
N GLU A 616 26.22 4.59 -3.61
CA GLU A 616 27.41 4.06 -2.97
C GLU A 616 28.02 2.89 -3.72
N GLN A 617 27.25 2.17 -4.53
CA GLN A 617 27.80 1.00 -5.21
C GLN A 617 28.63 1.39 -6.43
N LEU A 618 28.26 2.45 -7.15
CA LEU A 618 29.12 2.96 -8.22
C LEU A 618 29.79 4.26 -7.81
N LEU A 619 30.57 4.23 -6.72
CA LEU A 619 31.27 5.41 -6.25
C LEU A 619 32.72 5.47 -6.68
N GLU A 620 33.36 4.32 -6.91
CA GLU A 620 34.79 4.26 -7.19
C GLU A 620 35.55 4.88 -6.03
N THR A 621 35.81 4.10 -4.97
CA THR A 621 36.30 4.64 -3.71
C THR A 621 37.77 5.01 -3.74
N ILE A 622 38.56 4.45 -4.66
CA ILE A 622 39.96 4.88 -4.76
C ILE A 622 40.04 6.29 -5.35
N ASN A 623 41.18 6.95 -5.09
CA ASN A 623 41.40 8.39 -5.22
C ASN A 623 40.58 9.20 -4.23
N LEU A 624 39.94 8.58 -3.24
CA LEU A 624 39.07 9.29 -2.31
C LEU A 624 39.49 9.04 -0.87
N ASP A 625 39.42 10.11 -0.06
CA ASP A 625 39.62 10.06 1.38
C ASP A 625 38.37 9.59 2.12
N VAL A 626 37.31 9.25 1.40
CA VAL A 626 36.00 9.00 1.96
C VAL A 626 35.86 7.55 2.40
N THR A 627 34.98 7.32 3.38
CA THR A 627 34.58 5.99 3.82
C THR A 627 33.06 5.91 3.73
N VAL A 628 32.57 4.93 2.98
CA VAL A 628 31.13 4.67 2.94
C VAL A 628 30.74 3.93 4.21
N ALA A 629 29.80 4.50 4.95
CA ALA A 629 29.41 3.93 6.23
C ALA A 629 28.84 2.53 6.03
N PRO A 630 29.31 1.53 6.78
CA PRO A 630 28.71 0.19 6.67
C PRO A 630 27.24 0.22 7.07
N LYS A 631 26.44 -0.55 6.35
CA LYS A 631 24.99 -0.49 6.52
C LYS A 631 24.53 -1.05 7.86
N ASP A 632 25.41 -1.67 8.65
CA ASP A 632 25.06 -2.17 9.96
C ASP A 632 25.17 -1.11 11.05
N ILE A 633 25.53 0.12 10.70
CA ILE A 633 25.65 1.22 11.65
C ILE A 633 24.49 2.19 11.42
N ASP A 634 23.79 2.52 12.50
CA ASP A 634 22.64 3.42 12.39
C ASP A 634 23.10 4.84 12.09
N SER A 635 22.24 5.60 11.40
CA SER A 635 22.55 6.98 11.07
C SER A 635 22.55 7.86 12.31
N ASN A 636 21.70 7.56 13.29
CA ASN A 636 21.68 8.35 14.52
C ASN A 636 22.91 8.08 15.37
N GLU A 637 23.40 6.84 15.37
CA GLU A 637 24.69 6.57 16.00
C GLU A 637 25.81 7.29 15.29
N LEU A 638 25.70 7.46 13.97
CA LEU A 638 26.70 8.21 13.23
C LEU A 638 26.66 9.69 13.57
N LEU A 639 25.48 10.21 13.93
CA LEU A 639 25.40 11.61 14.35
C LEU A 639 26.13 11.83 15.67
N GLY A 640 25.94 10.94 16.64
CA GLY A 640 26.68 11.03 17.89
C GLY A 640 28.15 10.69 17.75
N PHE A 641 28.52 9.99 16.69
CA PHE A 641 29.92 9.63 16.47
C PHE A 641 30.71 10.73 15.79
N CYS A 642 30.06 11.49 14.90
CA CYS A 642 30.75 12.52 14.12
C CYS A 642 30.92 13.80 14.92
N ASP A 643 31.68 14.73 14.34
CA ASP A 643 31.89 16.04 14.93
C ASP A 643 31.34 17.18 14.08
N LEU A 644 31.01 16.94 12.81
CA LEU A 644 30.43 17.95 11.94
C LEU A 644 29.56 17.24 10.91
N LEU A 645 28.33 17.71 10.76
CA LEU A 645 27.36 17.10 9.84
C LEU A 645 27.17 17.99 8.62
N ILE A 646 27.25 17.39 7.44
CA ILE A 646 26.93 18.07 6.19
C ILE A 646 25.71 17.39 5.59
N THR A 647 24.66 18.18 5.34
CA THR A 647 23.47 17.68 4.69
C THR A 647 22.85 18.83 3.89
N ASP A 648 21.76 18.53 3.19
CA ASP A 648 21.10 19.55 2.38
C ASP A 648 19.61 19.63 2.68
N TYR A 649 18.85 18.65 2.20
CA TYR A 649 17.40 18.64 2.33
C TYR A 649 16.91 17.38 3.01
N SER A 650 17.65 16.90 4.02
CA SER A 650 17.28 15.72 4.78
C SER A 650 16.83 16.14 6.17
N SER A 651 15.70 15.57 6.62
CA SER A 651 15.21 15.85 7.96
C SER A 651 16.18 15.42 9.08
N ILE A 652 17.34 14.82 8.75
CA ILE A 652 18.30 14.42 9.79
C ILE A 652 18.96 15.62 10.46
N ILE A 653 18.92 16.80 9.83
CA ILE A 653 19.50 17.99 10.45
C ILE A 653 18.81 18.31 11.76
N TYR A 654 17.52 18.00 11.89
CA TYR A 654 16.81 18.36 13.11
C TYR A 654 17.01 17.34 14.22
N ASP A 655 17.56 16.17 13.89
CA ASP A 655 18.08 15.27 14.91
C ASP A 655 19.40 15.76 15.47
N PHE A 656 20.06 16.68 14.77
CA PHE A 656 21.43 17.10 15.06
C PHE A 656 21.52 18.33 15.94
N LEU A 657 20.56 19.25 15.85
CA LEU A 657 20.73 20.59 16.41
C LEU A 657 20.89 20.60 17.92
N ALA A 658 20.46 19.55 18.62
CA ALA A 658 20.56 19.50 20.07
C ALA A 658 21.83 18.82 20.57
N LEU A 659 22.78 18.55 19.68
CA LEU A 659 24.00 17.84 20.04
C LEU A 659 25.20 18.76 20.23
N SER A 660 25.03 20.07 20.09
CA SER A 660 26.08 21.06 20.32
C SER A 660 27.30 20.81 19.41
N LYS A 661 27.02 20.61 18.13
CA LYS A 661 28.06 20.39 17.13
C LYS A 661 27.74 21.19 15.88
N PRO A 662 28.76 21.56 15.11
CA PRO A 662 28.50 22.37 13.91
C PRO A 662 27.85 21.56 12.80
N ALA A 663 27.02 22.25 12.01
CA ALA A 663 26.33 21.65 10.88
C ALA A 663 26.44 22.57 9.67
N ILE A 664 26.38 21.98 8.48
CA ILE A 664 26.51 22.71 7.22
C ILE A 664 25.38 22.29 6.30
N SER A 665 24.60 23.26 5.83
CA SER A 665 23.56 23.03 4.84
C SER A 665 24.14 23.36 3.47
N TYR A 666 24.62 22.35 2.75
CA TYR A 666 25.30 22.53 1.47
C TYR A 666 24.26 22.37 0.37
N ILE A 667 23.80 23.49 -0.18
CA ILE A 667 22.63 23.49 -1.06
C ILE A 667 22.98 24.07 -2.42
N TYR A 668 23.82 23.36 -3.17
CA TYR A 668 24.26 23.86 -4.47
C TYR A 668 23.14 23.92 -5.49
N ASP A 669 22.10 23.11 -5.32
CA ASP A 669 21.02 22.99 -6.28
C ASP A 669 19.68 23.36 -5.67
N TYR A 670 19.63 24.46 -4.92
CA TYR A 670 18.38 24.87 -4.30
C TYR A 670 17.33 25.22 -5.35
N GLU A 671 17.75 25.92 -6.41
CA GLU A 671 16.82 26.28 -7.48
C GLU A 671 16.17 25.03 -8.09
N GLU A 672 16.99 24.05 -8.48
CA GLU A 672 16.46 22.86 -9.13
C GLU A 672 15.60 22.04 -8.17
N TYR A 673 16.03 21.89 -6.92
CA TYR A 673 15.32 21.03 -5.99
C TYR A 673 14.04 21.68 -5.48
N ASP A 674 14.03 23.00 -5.32
CA ASP A 674 12.80 23.69 -4.93
C ASP A 674 11.77 23.62 -6.05
N ALA A 675 12.21 23.74 -7.31
CA ALA A 675 11.29 23.65 -8.42
C ALA A 675 10.68 22.25 -8.55
N GLU A 676 11.40 21.22 -8.12
CA GLU A 676 10.93 19.85 -8.24
C GLU A 676 10.07 19.42 -7.06
N ARG A 677 10.44 19.81 -5.84
CA ARG A 677 9.76 19.29 -4.65
C ARG A 677 9.15 20.36 -3.75
N GLY A 678 9.43 21.64 -3.99
CA GLY A 678 8.86 22.70 -3.19
C GLY A 678 9.25 22.66 -1.72
N LEU A 679 10.32 23.36 -1.36
CA LEU A 679 10.85 23.35 0.00
C LEU A 679 10.11 24.35 0.88
N TYR A 680 9.95 23.97 2.15
CA TYR A 680 9.29 24.84 3.11
C TYR A 680 10.10 26.10 3.37
N LEU A 681 11.42 25.98 3.47
CA LEU A 681 12.28 27.03 3.99
C LEU A 681 13.11 27.66 2.87
N LYS A 682 13.33 28.96 2.99
CA LYS A 682 14.24 29.68 2.12
C LYS A 682 15.69 29.40 2.52
N PRO A 683 16.65 29.65 1.63
CA PRO A 683 18.04 29.32 1.95
C PRO A 683 18.56 29.97 3.21
N THR A 684 18.23 31.24 3.45
CA THR A 684 18.78 31.95 4.60
C THR A 684 18.23 31.45 5.93
N GLU A 685 17.12 30.73 5.93
CA GLU A 685 16.52 30.26 7.17
C GLU A 685 16.69 28.75 7.38
N MET A 686 17.66 28.14 6.72
CA MET A 686 18.04 26.79 7.09
C MET A 686 19.05 26.83 8.25
N SER A 687 19.31 25.65 8.80
CA SER A 687 20.11 25.52 10.00
C SER A 687 21.59 25.39 9.68
N GLY A 688 22.42 25.68 10.68
CA GLY A 688 23.86 25.63 10.51
C GLY A 688 24.36 26.73 9.60
N THR A 689 25.53 26.47 9.01
CA THR A 689 26.12 27.39 8.04
C THR A 689 25.63 26.99 6.65
N VAL A 690 25.01 27.93 5.95
CA VAL A 690 24.46 27.68 4.62
C VAL A 690 25.54 27.98 3.59
N CYS A 691 25.89 26.96 2.80
CA CYS A 691 26.91 27.08 1.78
C CYS A 691 26.36 26.63 0.43
N THR A 692 26.72 27.37 -0.62
CA THR A 692 26.27 27.05 -1.97
C THR A 692 27.37 26.48 -2.85
N THR A 693 28.63 26.53 -2.42
CA THR A 693 29.75 26.01 -3.19
C THR A 693 30.53 25.01 -2.34
N ILE A 694 31.27 24.14 -3.02
CA ILE A 694 32.00 23.09 -2.31
C ILE A 694 33.28 23.64 -1.68
N THR A 695 33.92 24.62 -2.30
CA THR A 695 35.11 25.22 -1.68
C THR A 695 34.74 25.98 -0.41
N ASP A 696 33.54 26.55 -0.36
CA ASP A 696 33.07 27.17 0.88
C ASP A 696 32.79 26.12 1.95
N VAL A 697 32.42 24.91 1.55
CA VAL A 697 32.20 23.84 2.51
C VAL A 697 33.50 23.46 3.20
N LYS A 698 34.56 23.26 2.42
CA LYS A 698 35.86 22.96 3.01
C LYS A 698 36.37 24.11 3.87
N LYS A 699 36.19 25.34 3.40
CA LYS A 699 36.59 26.50 4.20
C LYS A 699 35.84 26.56 5.51
N THR A 700 34.53 26.26 5.49
CA THR A 700 33.74 26.29 6.71
C THR A 700 34.08 25.12 7.62
N ILE A 701 34.44 23.96 7.05
CA ILE A 701 34.81 22.81 7.87
C ILE A 701 36.04 23.13 8.71
N LEU A 702 37.08 23.68 8.07
CA LEU A 702 38.33 23.95 8.77
C LEU A 702 38.18 25.11 9.74
N GLU A 703 37.36 26.11 9.40
CA GLU A 703 37.11 27.21 10.32
C GLU A 703 36.49 26.71 11.62
N HIS A 704 35.53 25.79 11.53
CA HIS A 704 34.83 25.32 12.72
C HIS A 704 35.60 24.24 13.45
N ILE A 705 36.37 23.42 12.73
CA ILE A 705 37.23 22.44 13.38
C ILE A 705 38.28 23.15 14.23
N SER A 706 38.85 24.23 13.70
CA SER A 706 39.88 24.98 14.42
C SER A 706 39.30 25.82 15.54
N SER A 707 38.19 26.52 15.29
CA SER A 707 37.63 27.43 16.28
C SER A 707 36.88 26.69 17.39
N GLY A 708 36.28 25.55 17.09
CA GLY A 708 35.45 24.87 18.06
C GLY A 708 34.16 25.58 18.37
N LYS A 709 33.72 26.48 17.48
CA LYS A 709 32.51 27.26 17.69
C LYS A 709 31.29 26.53 17.17
N SER A 710 30.16 26.78 17.81
CA SER A 710 28.88 26.31 17.29
C SER A 710 28.34 27.30 16.27
N ASN A 711 27.52 26.78 15.35
CA ASN A 711 26.95 27.64 14.31
C ASN A 711 25.46 27.36 14.10
N VAL A 712 24.79 26.74 15.07
CA VAL A 712 23.36 26.45 14.98
C VAL A 712 22.63 27.49 15.82
N SER A 713 21.75 28.24 15.18
CA SER A 713 21.01 29.29 15.88
C SER A 713 20.09 28.68 16.94
N GLU A 714 20.01 29.34 18.09
CA GLU A 714 19.16 28.83 19.16
C GLU A 714 17.68 29.04 18.88
N GLN A 715 17.35 29.92 17.93
CA GLN A 715 15.96 30.02 17.48
C GLN A 715 15.55 28.76 16.74
N ASP A 716 16.48 28.11 16.02
CA ASP A 716 16.17 26.86 15.34
C ASP A 716 15.99 25.72 16.34
N ILE A 717 16.83 25.68 17.38
CA ILE A 717 16.67 24.66 18.42
C ILE A 717 15.34 24.81 19.12
N GLN A 718 14.85 26.05 19.25
CA GLN A 718 13.56 26.27 19.90
C GLN A 718 12.40 25.85 19.01
N LYS A 719 12.60 25.85 17.69
CA LYS A 719 11.51 25.50 16.78
C LYS A 719 11.38 24.00 16.57
N TYR A 720 12.50 23.30 16.39
CA TYR A 720 12.46 21.92 15.94
C TYR A 720 13.09 20.91 16.89
N SER A 721 13.92 21.35 17.85
CA SER A 721 14.70 20.41 18.65
C SER A 721 14.53 20.64 20.15
N TYR A 722 13.46 21.32 20.57
CA TYR A 722 13.28 21.62 21.99
C TYR A 722 12.90 20.40 22.82
N LEU A 723 12.66 19.25 22.19
CA LEU A 723 12.21 18.05 22.89
C LEU A 723 13.29 16.99 22.96
N ASP A 724 14.52 17.31 22.57
CA ASP A 724 15.58 16.32 22.40
C ASP A 724 16.54 16.44 23.59
N ASP A 725 16.29 15.62 24.62
CA ASP A 725 17.13 15.59 25.81
C ASP A 725 17.72 14.20 26.06
N GLY A 726 17.69 13.33 25.05
CA GLY A 726 18.18 11.98 25.20
C GLY A 726 17.31 11.06 26.01
N GLN A 727 16.06 11.43 26.26
CA GLN A 727 15.13 10.62 27.06
C GLN A 727 13.80 10.43 26.37
N ALA A 728 13.73 10.66 25.05
CA ALA A 728 12.47 10.57 24.33
C ALA A 728 11.92 9.16 24.24
N THR A 729 12.77 8.14 24.35
CA THR A 729 12.30 6.78 24.19
C THR A 729 11.50 6.32 25.41
N LYS A 730 11.94 6.72 26.61
CA LYS A 730 11.13 6.48 27.80
C LYS A 730 9.78 7.17 27.68
N ARG A 731 9.76 8.39 27.16
CA ARG A 731 8.51 9.12 27.01
C ARG A 731 7.59 8.42 26.02
N THR A 732 8.14 7.91 24.92
CA THR A 732 7.32 7.27 23.90
C THR A 732 6.77 5.93 24.39
N VAL A 733 7.60 5.16 25.08
CA VAL A 733 7.17 3.84 25.55
C VAL A 733 6.09 3.98 26.62
N GLU A 734 6.29 4.89 27.58
CA GLU A 734 5.27 5.12 28.60
C GLU A 734 4.00 5.69 27.98
N PHE A 735 4.13 6.52 26.95
CA PHE A 735 2.96 7.04 26.24
C PHE A 735 2.20 5.92 25.55
N MET A 736 2.92 5.01 24.90
CA MET A 736 2.27 3.95 24.14
C MET A 736 1.53 2.99 25.06
N LEU A 737 2.12 2.66 26.21
CA LEU A 737 1.47 1.80 27.19
C LEU A 737 0.46 2.53 28.06
N ASP A 738 0.12 3.78 27.71
CA ASP A 738 -0.87 4.57 28.44
C ASP A 738 -0.48 4.73 29.91
N LYS A 739 0.75 5.20 30.14
CA LYS A 739 1.26 5.44 31.48
C LYS A 739 1.74 6.87 31.69
N ASP A 740 1.69 7.72 30.66
CA ASP A 740 2.21 9.08 30.76
C ASP A 740 1.43 9.95 29.78
N ASP A 741 0.53 10.78 30.31
CA ASP A 741 -0.28 11.69 29.51
C ASP A 741 0.30 13.10 29.46
N SER A 742 1.55 13.28 29.90
CA SER A 742 2.08 14.63 30.05
C SER A 742 2.41 15.28 28.70
N CYS A 743 2.68 14.47 27.68
CA CYS A 743 3.14 14.98 26.39
C CYS A 743 2.02 15.02 25.35
N ILE A 744 0.78 14.72 25.72
CA ILE A 744 -0.30 14.65 24.75
C ILE A 744 -0.68 16.04 24.27
N TYR A 745 -0.82 16.19 22.95
CA TYR A 745 -1.32 17.41 22.34
C TYR A 745 -2.84 17.34 22.34
N LYS A 746 -3.45 17.79 23.44
CA LYS A 746 -4.90 17.77 23.56
C LYS A 746 -5.50 18.90 22.73
N TYR A 747 -6.48 18.56 21.89
CA TYR A 747 -7.14 19.56 21.07
C TYR A 747 -8.56 19.09 20.76
N GLU A 748 -9.38 20.02 20.28
CA GLU A 748 -10.80 19.77 20.04
C GLU A 748 -11.02 19.26 18.63
N ARG A 749 -11.66 18.11 18.50
CA ARG A 749 -12.05 17.57 17.20
CA ARG A 749 -12.04 17.58 17.20
C ARG A 749 -13.41 18.13 16.79
N ARG A 750 -13.53 18.51 15.53
CA ARG A 750 -14.82 18.92 15.01
C ARG A 750 -15.66 17.69 14.70
N LYS A 751 -16.98 17.87 14.76
CA LYS A 751 -17.87 16.81 14.29
C LYS A 751 -17.78 16.69 12.78
N SER A 752 -18.04 15.50 12.27
CA SER A 752 -17.81 15.20 10.86
C SER A 752 -19.03 14.59 10.21
N ASP A 753 -19.29 15.01 8.97
CA ASP A 753 -20.22 14.35 8.07
C ASP A 753 -19.44 13.80 6.88
N VAL A 754 -19.82 12.61 6.42
CA VAL A 754 -19.13 11.93 5.33
C VAL A 754 -20.06 11.83 4.14
N PHE A 755 -19.51 12.02 2.95
CA PHE A 755 -20.29 12.04 1.71
C PHE A 755 -19.69 11.08 0.70
N PHE A 756 -20.51 10.71 -0.28
CA PHE A 756 -20.05 10.02 -1.48
C PHE A 756 -20.78 10.63 -2.67
N GLU A 757 -20.02 11.15 -3.63
CA GLU A 757 -20.60 11.76 -4.82
C GLU A 757 -20.59 10.83 -6.02
N GLY A 758 -19.64 9.90 -6.11
CA GLY A 758 -19.45 9.09 -7.28
C GLY A 758 -18.04 9.23 -7.80
N PRO A 759 -17.84 8.93 -9.08
CA PRO A 759 -16.52 9.12 -9.70
C PRO A 759 -16.27 10.52 -10.26
N PHE A 760 -17.12 11.49 -9.91
CA PHE A 760 -16.99 12.88 -10.38
C PHE A 760 -17.01 12.97 -11.90
N ILE A 761 -17.91 12.21 -12.52
CA ILE A 761 -18.24 12.49 -13.92
C ILE A 761 -18.95 13.84 -14.00
N PRO A 762 -18.55 14.74 -14.90
CA PRO A 762 -19.26 16.01 -15.01
C PRO A 762 -20.69 15.83 -15.52
N ASN A 763 -21.65 15.86 -14.60
CA ASN A 763 -23.05 15.65 -14.93
C ASN A 763 -23.91 16.37 -13.89
N GLY A 764 -25.22 16.12 -13.94
CA GLY A 764 -26.13 16.80 -13.02
C GLY A 764 -25.88 16.47 -11.57
N ILE A 765 -25.44 15.24 -11.27
CA ILE A 765 -25.17 14.85 -9.90
C ILE A 765 -23.99 15.64 -9.34
N SER A 766 -22.92 15.74 -10.13
CA SER A 766 -21.72 16.44 -9.66
C SER A 766 -21.98 17.93 -9.49
N ARG A 767 -22.75 18.53 -10.40
CA ARG A 767 -23.04 19.96 -10.28
C ARG A 767 -23.89 20.25 -9.06
N SER A 768 -24.83 19.35 -8.72
CA SER A 768 -25.62 19.54 -7.52
C SER A 768 -24.78 19.33 -6.26
N PHE A 769 -23.87 18.35 -6.30
CA PHE A 769 -22.99 18.12 -5.16
C PHE A 769 -22.10 19.32 -4.88
N LEU A 770 -21.53 19.91 -5.95
CA LEU A 770 -20.67 21.07 -5.78
C LEU A 770 -21.44 22.26 -5.22
N ASN A 771 -22.70 22.43 -5.64
CA ASN A 771 -23.51 23.52 -5.11
C ASN A 771 -23.87 23.28 -3.64
N LEU A 772 -24.14 22.02 -3.28
CA LEU A 772 -24.37 21.70 -1.88
C LEU A 772 -23.12 21.91 -1.04
N MET A 773 -21.96 21.55 -1.59
CA MET A 773 -20.70 21.74 -0.88
C MET A 773 -20.42 23.22 -0.63
N ALA A 774 -20.73 24.07 -1.61
CA ALA A 774 -20.51 25.50 -1.43
C ALA A 774 -21.45 26.09 -0.40
N SER A 775 -22.63 25.52 -0.23
CA SER A 775 -23.61 26.06 0.70
C SER A 775 -23.30 25.71 2.15
N ILE A 776 -22.65 24.58 2.39
CA ILE A 776 -22.39 24.10 3.75
C ILE A 776 -20.91 24.22 4.12
N LYS A 777 -20.11 24.92 3.32
CA LYS A 777 -18.67 24.91 3.51
C LYS A 777 -18.22 25.61 4.79
N ASP A 778 -19.02 26.54 5.32
CA ASP A 778 -18.67 27.29 6.53
C ASP A 778 -19.60 26.94 7.69
N SER A 779 -19.97 25.66 7.79
CA SER A 779 -20.89 25.21 8.82
C SER A 779 -20.19 24.81 10.12
N GLY A 780 -18.87 24.96 10.19
CA GLY A 780 -18.13 24.56 11.38
C GLY A 780 -18.00 23.07 11.58
N LYS A 781 -18.29 22.27 10.55
CA LYS A 781 -18.18 20.83 10.62
C LYS A 781 -17.08 20.35 9.68
N ASN A 782 -16.63 19.12 9.91
CA ASN A 782 -15.64 18.48 9.05
C ASN A 782 -16.38 17.70 7.96
N ILE A 783 -16.36 18.23 6.75
CA ILE A 783 -17.03 17.58 5.61
C ILE A 783 -16.02 16.61 4.99
N THR A 784 -16.30 15.32 5.13
CA THR A 784 -15.42 14.27 4.60
C THR A 784 -16.04 13.68 3.33
N LEU A 785 -15.18 13.45 2.34
CA LEU A 785 -15.60 12.87 1.06
C LEU A 785 -14.83 11.58 0.81
N LEU A 786 -15.56 10.51 0.50
CA LEU A 786 -14.97 9.23 0.17
C LEU A 786 -14.99 9.05 -1.34
N ILE A 787 -13.86 8.63 -1.91
CA ILE A 787 -13.73 8.46 -3.36
C ILE A 787 -12.98 7.17 -3.65
N ASN A 788 -13.05 6.75 -4.90
CA ASN A 788 -12.18 5.71 -5.46
C ASN A 788 -11.23 6.44 -6.40
N GLY A 789 -10.01 6.71 -5.91
CA GLY A 789 -9.08 7.54 -6.65
C GLY A 789 -8.76 7.04 -8.05
N SER A 790 -8.70 5.72 -8.22
CA SER A 790 -8.41 5.17 -9.54
C SER A 790 -9.51 5.48 -10.55
N ASP A 791 -10.76 5.58 -10.09
CA ASP A 791 -11.87 5.89 -10.99
C ASP A 791 -11.82 7.34 -11.48
N ILE A 792 -11.05 8.20 -10.82
CA ILE A 792 -10.97 9.61 -11.16
C ILE A 792 -9.68 9.94 -11.91
N ALA A 793 -8.58 9.28 -11.55
CA ALA A 793 -7.28 9.62 -12.12
C ALA A 793 -7.21 9.35 -13.61
N GLN A 794 -8.04 8.42 -14.11
CA GLN A 794 -7.99 8.07 -15.53
C GLN A 794 -8.44 9.22 -16.41
N ASP A 795 -9.60 9.81 -16.11
CA ASP A 795 -10.22 10.79 -16.99
C ASP A 795 -9.75 12.19 -16.61
N GLN A 796 -9.23 12.93 -17.59
CA GLN A 796 -8.80 14.30 -17.35
C GLN A 796 -9.96 15.17 -16.90
N LYS A 797 -11.15 14.94 -17.48
CA LYS A 797 -12.29 15.79 -17.15
C LYS A 797 -12.87 15.42 -15.79
N ARG A 798 -12.68 14.18 -15.33
CA ARG A 798 -13.09 13.82 -13.97
C ARG A 798 -12.23 14.52 -12.94
N LEU A 799 -10.92 14.60 -13.18
CA LEU A 799 -10.03 15.31 -12.27
C LEU A 799 -10.36 16.80 -12.22
N GLU A 800 -10.71 17.38 -13.38
CA GLU A 800 -11.06 18.79 -13.42
C GLU A 800 -12.31 19.06 -12.59
N GLU A 801 -13.31 18.19 -12.69
CA GLU A 801 -14.52 18.35 -11.88
C GLU A 801 -14.23 18.12 -10.41
N PHE A 802 -13.30 17.21 -10.10
CA PHE A 802 -12.92 16.98 -8.71
C PHE A 802 -12.22 18.18 -8.10
N ASN A 803 -11.45 18.92 -8.90
CA ASN A 803 -10.64 20.03 -8.40
C ASN A 803 -11.47 21.28 -8.10
N ASN A 804 -12.76 21.28 -8.43
CA ASN A 804 -13.63 22.40 -8.11
C ASN A 804 -14.18 22.35 -6.68
N LEU A 805 -13.86 21.31 -5.93
CA LEU A 805 -14.33 21.18 -4.57
C LEU A 805 -13.77 22.31 -3.70
N PRO A 806 -14.48 22.73 -2.67
CA PRO A 806 -13.90 23.65 -1.68
C PRO A 806 -12.69 23.03 -1.02
N SER A 807 -11.73 23.89 -0.66
CA SER A 807 -10.44 23.40 -0.18
C SER A 807 -10.52 22.80 1.22
N ASN A 808 -11.59 23.06 1.96
CA ASN A 808 -11.72 22.54 3.31
C ASN A 808 -12.27 21.13 3.37
N ILE A 809 -12.44 20.47 2.22
CA ILE A 809 -13.04 19.15 2.18
C ILE A 809 -11.98 18.11 2.50
N THR A 810 -12.16 17.37 3.59
CA THR A 810 -11.31 16.22 3.88
C THR A 810 -11.66 15.09 2.93
N VAL A 811 -10.65 14.54 2.26
CA VAL A 811 -10.86 13.55 1.21
C VAL A 811 -10.09 12.28 1.55
N LEU A 812 -10.79 11.15 1.51
CA LEU A 812 -10.21 9.83 1.69
C LEU A 812 -10.49 8.98 0.46
N SER A 813 -9.50 8.21 0.03
CA SER A 813 -9.61 7.40 -1.17
C SER A 813 -9.39 5.93 -0.82
N ARG A 814 -10.26 5.07 -1.35
CA ARG A 814 -10.11 3.63 -1.16
C ARG A 814 -8.85 3.14 -1.84
N VAL A 815 -8.15 2.23 -1.18
CA VAL A 815 -6.88 1.69 -1.67
C VAL A 815 -6.97 0.17 -1.69
N GLY A 816 -6.78 -0.43 -2.86
CA GLY A 816 -6.68 -1.86 -2.98
C GLY A 816 -8.01 -2.59 -2.93
N ARG A 817 -7.90 -3.92 -2.91
CA ARG A 817 -9.07 -4.78 -2.86
C ARG A 817 -9.66 -4.86 -1.46
N THR A 818 -10.94 -5.20 -1.38
CA THR A 818 -11.59 -5.42 -0.10
C THR A 818 -11.24 -6.81 0.42
N PRO A 819 -10.65 -6.93 1.60
CA PRO A 819 -10.38 -8.26 2.16
C PRO A 819 -11.66 -9.00 2.45
N MET A 820 -11.73 -10.24 1.98
CA MET A 820 -12.91 -11.08 2.15
C MET A 820 -12.48 -12.51 2.45
N THR A 821 -13.29 -13.21 3.23
CA THR A 821 -13.09 -14.63 3.44
C THR A 821 -13.58 -15.42 2.23
N LEU A 822 -13.42 -16.74 2.28
CA LEU A 822 -13.86 -17.59 1.18
C LEU A 822 -15.36 -17.46 0.93
N GLU A 823 -16.17 -17.72 1.95
CA GLU A 823 -17.61 -17.64 1.79
C GLU A 823 -18.07 -16.21 1.52
N GLU A 824 -17.32 -15.22 1.99
CA GLU A 824 -17.68 -13.83 1.71
C GLU A 824 -17.50 -13.50 0.24
N LEU A 825 -16.51 -14.10 -0.41
CA LEU A 825 -16.38 -13.94 -1.86
C LEU A 825 -17.54 -14.57 -2.59
N TRP A 826 -17.96 -15.78 -2.16
CA TRP A 826 -19.10 -16.43 -2.80
C TRP A 826 -20.38 -15.62 -2.58
N VAL A 827 -20.63 -15.21 -1.34
CA VAL A 827 -21.86 -14.48 -1.03
C VAL A 827 -21.94 -13.17 -1.80
N ARG A 828 -20.82 -12.44 -1.86
CA ARG A 828 -20.81 -11.19 -2.61
C ARG A 828 -21.07 -11.43 -4.09
N ASN A 829 -20.31 -12.38 -4.69
CA ASN A 829 -20.48 -12.65 -6.11
C ASN A 829 -21.90 -13.11 -6.43
N LYS A 830 -22.51 -13.89 -5.53
CA LYS A 830 -23.89 -14.32 -5.72
C LYS A 830 -24.85 -13.14 -5.67
N PHE A 831 -24.65 -12.23 -4.71
CA PHE A 831 -25.56 -11.10 -4.58
C PHE A 831 -25.42 -10.13 -5.75
N GLU A 832 -24.19 -9.82 -6.14
CA GLU A 832 -23.97 -8.94 -7.29
C GLU A 832 -24.29 -9.59 -8.63
N GLU A 833 -24.87 -10.79 -8.60
CA GLU A 833 -25.30 -11.50 -9.79
C GLU A 833 -26.80 -11.71 -9.86
N THR A 834 -27.45 -11.95 -8.71
CA THR A 834 -28.90 -12.12 -8.66
C THR A 834 -29.63 -10.96 -8.01
N TYR A 835 -28.97 -10.18 -7.15
CA TYR A 835 -29.52 -8.98 -6.52
C TYR A 835 -30.68 -9.28 -5.59
N GLN A 836 -30.82 -10.51 -5.11
CA GLN A 836 -31.98 -10.92 -4.34
C GLN A 836 -31.67 -10.94 -2.85
N ILE A 837 -32.73 -10.81 -2.05
CA ILE A 837 -32.68 -11.05 -0.62
C ILE A 837 -32.96 -12.52 -0.38
N TYR A 838 -32.08 -13.18 0.37
CA TYR A 838 -32.18 -14.63 0.54
C TYR A 838 -32.54 -15.05 1.95
N SER A 839 -31.81 -14.60 2.96
CA SER A 839 -32.10 -14.97 4.35
C SER A 839 -31.38 -14.01 5.28
N GLU A 840 -31.66 -14.16 6.58
CA GLU A 840 -30.99 -13.34 7.60
C GLU A 840 -29.51 -13.65 7.67
N SER A 841 -29.14 -14.94 7.62
CA SER A 841 -27.73 -15.31 7.70
C SER A 841 -26.97 -14.88 6.45
N PHE A 842 -27.60 -14.99 5.28
CA PHE A 842 -26.95 -14.56 4.05
C PHE A 842 -26.73 -13.05 4.07
N THR A 843 -27.70 -12.29 4.55
CA THR A 843 -27.55 -10.84 4.62
C THR A 843 -26.47 -10.43 5.63
N ASN A 844 -26.43 -11.12 6.78
CA ASN A 844 -25.41 -10.80 7.78
C ASN A 844 -24.02 -11.11 7.28
N THR A 845 -23.87 -12.21 6.53
CA THR A 845 -22.57 -12.56 5.97
C THR A 845 -22.10 -11.50 4.98
N LEU A 846 -23.00 -11.02 4.12
CA LEU A 846 -22.65 -9.96 3.18
C LEU A 846 -22.29 -8.67 3.91
N LEU A 847 -23.09 -8.30 4.92
CA LEU A 847 -22.86 -7.04 5.61
C LEU A 847 -21.61 -7.06 6.48
N LYS A 848 -21.13 -8.24 6.88
CA LYS A 848 -19.87 -8.32 7.62
C LYS A 848 -18.70 -7.84 6.77
N VAL A 849 -18.79 -8.02 5.45
CA VAL A 849 -17.74 -7.50 4.56
C VAL A 849 -17.64 -5.99 4.68
N TYR A 850 -18.78 -5.32 4.68
CA TYR A 850 -18.77 -3.85 4.57
C TYR A 850 -18.59 -3.16 5.91
N LYS A 851 -18.87 -3.82 7.03
CA LYS A 851 -18.45 -3.27 8.31
C LYS A 851 -16.94 -3.35 8.47
N ARG A 852 -16.33 -4.45 8.01
CA ARG A 852 -14.88 -4.56 8.03
C ARG A 852 -14.24 -3.54 7.10
N GLU A 853 -14.85 -3.31 5.94
CA GLU A 853 -14.30 -2.35 4.99
C GLU A 853 -14.46 -0.92 5.48
N VAL A 854 -15.53 -0.65 6.24
CA VAL A 854 -15.67 0.65 6.89
C VAL A 854 -14.54 0.85 7.90
N ARG A 855 -14.21 -0.22 8.65
CA ARG A 855 -13.10 -0.14 9.60
C ARG A 855 -11.77 0.04 8.89
N ARG A 856 -11.60 -0.64 7.76
CA ARG A 856 -10.33 -0.55 7.03
C ARG A 856 -10.11 0.87 6.49
N LEU A 857 -11.20 1.53 6.09
CA LEU A 857 -11.07 2.87 5.51
C LEU A 857 -11.07 3.97 6.56
N LEU A 858 -11.79 3.78 7.66
CA LEU A 858 -12.04 4.85 8.61
C LEU A 858 -11.62 4.56 10.04
N GLY A 859 -11.27 3.31 10.36
CA GLY A 859 -10.88 3.01 11.73
C GLY A 859 -12.06 3.15 12.68
N ASN A 860 -11.81 3.75 13.84
CA ASN A 860 -12.84 4.00 14.83
C ASN A 860 -13.51 5.36 14.67
N SER A 861 -13.61 5.85 13.44
CA SER A 861 -14.23 7.15 13.21
C SER A 861 -15.75 7.05 13.37
N SER A 862 -16.35 8.18 13.73
CA SER A 862 -17.80 8.28 13.88
C SER A 862 -18.26 9.59 13.29
N PHE A 863 -19.44 9.59 12.67
CA PHE A 863 -19.94 10.74 11.95
C PHE A 863 -21.34 11.09 12.42
N ASP A 864 -21.77 12.32 12.12
CA ASP A 864 -23.13 12.72 12.43
C ASP A 864 -24.10 12.23 11.36
N ASN A 865 -23.73 12.39 10.08
CA ASN A 865 -24.54 11.92 8.98
C ASN A 865 -23.63 11.29 7.92
N ALA A 866 -24.06 10.14 7.41
CA ALA A 866 -23.42 9.47 6.28
C ALA A 866 -24.38 9.56 5.10
N ILE A 867 -23.99 10.34 4.09
CA ILE A 867 -24.89 10.71 3.00
C ILE A 867 -24.34 10.13 1.70
N HIS A 868 -25.04 9.13 1.16
CA HIS A 868 -24.72 8.58 -0.16
C HIS A 868 -25.43 9.44 -1.19
N PHE A 869 -24.70 10.40 -1.76
CA PHE A 869 -25.34 11.43 -2.58
C PHE A 869 -25.58 10.96 -4.01
N GLU A 870 -24.79 10.01 -4.51
CA GLU A 870 -24.97 9.56 -5.88
C GLU A 870 -26.21 8.67 -6.02
N GLY A 871 -26.33 7.66 -5.16
CA GLY A 871 -27.46 6.76 -5.19
C GLY A 871 -27.38 5.66 -6.23
N TYR A 872 -26.21 5.43 -6.83
CA TYR A 872 -26.06 4.44 -7.89
C TYR A 872 -25.15 3.29 -7.50
N SER A 873 -23.89 3.57 -7.16
CA SER A 873 -22.89 2.51 -7.00
C SER A 873 -23.24 1.61 -5.82
N LEU A 874 -23.43 0.31 -6.11
CA LEU A 874 -23.93 -0.62 -5.11
C LEU A 874 -22.91 -0.87 -4.00
N PHE A 875 -21.62 -0.91 -4.36
CA PHE A 875 -20.58 -1.10 -3.34
C PHE A 875 -20.67 -0.04 -2.26
N TRP A 876 -20.86 1.22 -2.65
CA TRP A 876 -20.88 2.32 -1.71
C TRP A 876 -22.21 2.43 -0.97
N VAL A 877 -23.29 1.91 -1.53
CA VAL A 877 -24.56 1.84 -0.79
C VAL A 877 -24.42 0.93 0.41
N LEU A 878 -23.86 -0.27 0.20
CA LEU A 878 -23.70 -1.21 1.31
C LEU A 878 -22.62 -0.75 2.28
N LEU A 879 -21.60 -0.04 1.79
CA LEU A 879 -20.55 0.46 2.67
C LEU A 879 -21.09 1.57 3.58
N PHE A 880 -21.80 2.54 3.00
CA PHE A 880 -22.32 3.65 3.79
C PHE A 880 -23.37 3.20 4.80
N SER A 881 -24.00 2.04 4.57
CA SER A 881 -24.95 1.52 5.54
C SER A 881 -24.27 1.09 6.83
N GLN A 882 -22.97 0.83 6.80
CA GLN A 882 -22.23 0.32 7.96
C GLN A 882 -21.38 1.38 8.64
N ILE A 883 -21.32 2.59 8.11
CA ILE A 883 -20.56 3.66 8.75
C ILE A 883 -21.22 4.02 10.07
N ASN A 884 -20.42 4.16 11.12
CA ASN A 884 -20.92 4.55 12.44
C ASN A 884 -21.38 6.00 12.38
N ALA A 885 -22.69 6.20 12.24
CA ALA A 885 -23.25 7.54 12.10
C ALA A 885 -24.56 7.63 12.87
N LYS A 886 -24.96 8.87 13.15
CA LYS A 886 -26.26 9.12 13.78
C LYS A 886 -27.41 9.00 12.80
N LYS A 887 -27.15 9.16 11.50
CA LYS A 887 -28.18 9.11 10.49
C LYS A 887 -27.57 8.68 9.17
N HIS A 888 -28.31 7.87 8.41
CA HIS A 888 -27.86 7.36 7.13
C HIS A 888 -28.86 7.79 6.06
N ILE A 889 -28.37 8.50 5.05
CA ILE A 889 -29.22 9.13 4.04
C ILE A 889 -28.70 8.75 2.66
N ILE A 890 -29.60 8.36 1.76
CA ILE A 890 -29.26 8.04 0.39
C ILE A 890 -30.17 8.85 -0.53
N TYR A 891 -29.60 9.42 -1.59
CA TYR A 891 -30.33 10.28 -2.50
C TYR A 891 -30.91 9.49 -3.69
N GLN A 892 -31.92 10.07 -4.32
CA GLN A 892 -32.45 9.61 -5.60
C GLN A 892 -32.52 10.80 -6.54
N HIS A 893 -31.72 10.78 -7.60
CA HIS A 893 -31.63 11.89 -8.54
C HIS A 893 -32.53 11.70 -9.76
N ASN A 894 -33.29 10.62 -9.83
CA ASN A 894 -34.00 10.27 -11.05
C ASN A 894 -35.20 9.41 -10.69
N ASP A 895 -35.91 8.94 -11.72
CA ASP A 895 -36.90 7.88 -11.58
C ASP A 895 -36.14 6.57 -11.60
N LYS A 896 -35.89 6.01 -10.41
CA LYS A 896 -34.96 4.89 -10.29
C LYS A 896 -35.47 3.64 -11.01
N TYR A 897 -36.79 3.43 -11.02
CA TYR A 897 -37.33 2.25 -11.70
C TYR A 897 -37.08 2.31 -13.20
N LYS A 898 -37.13 3.51 -13.78
CA LYS A 898 -36.82 3.64 -15.21
C LYS A 898 -35.34 3.40 -15.47
N GLU A 899 -34.46 3.88 -14.58
CA GLU A 899 -33.03 3.62 -14.73
C GLU A 899 -32.72 2.14 -14.54
N TRP A 900 -33.46 1.46 -13.66
CA TRP A 900 -33.22 0.04 -13.43
C TRP A 900 -33.58 -0.79 -14.65
N LYS A 901 -34.79 -0.60 -15.18
CA LYS A 901 -35.25 -1.37 -16.33
C LYS A 901 -34.68 -0.84 -17.64
N GLY A 902 -33.99 0.30 -17.63
CA GLY A 902 -33.48 0.89 -18.85
C GLY A 902 -32.01 0.65 -19.09
N ARG A 903 -31.18 0.80 -18.05
CA ARG A 903 -29.74 0.71 -18.23
C ARG A 903 -29.04 -0.16 -17.19
N PHE A 904 -29.36 0.02 -15.91
CA PHE A 904 -28.52 -0.48 -14.82
C PHE A 904 -29.20 -1.61 -14.07
N PRO A 905 -28.86 -2.88 -14.36
CA PRO A 905 -29.47 -3.98 -13.61
C PRO A 905 -29.19 -3.95 -12.12
N TYR A 906 -28.01 -3.46 -11.71
CA TYR A 906 -27.64 -3.51 -10.29
C TYR A 906 -28.51 -2.63 -9.41
N LEU A 907 -29.35 -1.78 -10.00
CA LEU A 907 -30.23 -0.95 -9.19
C LEU A 907 -31.24 -1.78 -8.41
N GLU A 908 -31.51 -3.00 -8.84
CA GLU A 908 -32.33 -3.91 -8.04
C GLU A 908 -31.69 -4.18 -6.69
N GLY A 909 -30.36 -4.37 -6.67
CA GLY A 909 -29.68 -4.54 -5.40
C GLY A 909 -29.71 -3.29 -4.53
N VAL A 910 -29.72 -2.11 -5.15
CA VAL A 910 -29.84 -0.88 -4.39
C VAL A 910 -31.21 -0.79 -3.72
N PHE A 911 -32.26 -1.15 -4.46
CA PHE A 911 -33.60 -1.12 -3.88
C PHE A 911 -33.73 -2.10 -2.73
N ASN A 912 -33.16 -3.30 -2.88
CA ASN A 912 -33.15 -4.27 -1.78
C ASN A 912 -32.20 -3.88 -0.66
N SER A 913 -31.52 -2.74 -0.77
CA SER A 913 -30.64 -2.23 0.28
C SER A 913 -31.13 -0.93 0.88
N TYR A 914 -32.24 -0.37 0.39
CA TYR A 914 -32.82 0.81 1.05
C TYR A 914 -33.25 0.52 2.47
N VAL A 915 -33.47 -0.74 2.82
CA VAL A 915 -33.82 -1.10 4.18
C VAL A 915 -32.72 -0.73 5.17
N PHE A 916 -31.49 -0.58 4.68
CA PHE A 916 -30.35 -0.26 5.52
C PHE A 916 -30.10 1.24 5.66
N PHE A 917 -31.07 2.07 5.29
CA PHE A 917 -30.95 3.52 5.40
C PHE A 917 -32.15 4.07 6.15
N ASP A 918 -32.01 5.32 6.61
CA ASP A 918 -33.05 5.99 7.37
C ASP A 918 -33.90 6.92 6.51
N GLN A 919 -33.30 7.60 5.53
CA GLN A 919 -34.04 8.46 4.62
C GLN A 919 -33.63 8.17 3.18
N ILE A 920 -34.59 8.26 2.28
CA ILE A 920 -34.35 8.17 0.84
C ILE A 920 -34.85 9.48 0.24
N VAL A 921 -33.91 10.34 -0.17
CA VAL A 921 -34.21 11.72 -0.50
C VAL A 921 -34.17 11.89 -2.01
N SER A 922 -35.32 12.27 -2.59
CA SER A 922 -35.38 12.63 -3.99
C SER A 922 -35.08 14.12 -4.16
N VAL A 923 -34.75 14.51 -5.39
CA VAL A 923 -34.28 15.87 -5.65
C VAL A 923 -35.45 16.77 -6.06
N SER A 924 -36.66 16.24 -5.99
CA SER A 924 -37.87 17.01 -6.27
C SER A 924 -39.06 16.23 -5.76
N GLU A 925 -40.15 16.96 -5.49
CA GLU A 925 -41.34 16.32 -4.95
C GLU A 925 -42.03 15.45 -6.00
N LYS A 926 -42.07 15.92 -7.25
CA LYS A 926 -42.59 15.10 -8.35
C LYS A 926 -41.84 13.78 -8.46
N THR A 927 -40.51 13.85 -8.39
CA THR A 927 -39.70 12.63 -8.45
C THR A 927 -39.95 11.74 -7.25
N MET A 928 -40.21 12.33 -6.08
CA MET A 928 -40.42 11.53 -4.88
C MET A 928 -41.67 10.66 -5.00
N GLU A 929 -42.80 11.26 -5.39
CA GLU A 929 -44.03 10.47 -5.54
C GLU A 929 -43.87 9.40 -6.60
N ASN A 930 -43.16 9.70 -7.68
CA ASN A 930 -42.92 8.69 -8.71
C ASN A 930 -42.10 7.53 -8.15
N ASN A 931 -41.12 7.84 -7.29
CA ASN A 931 -40.30 6.78 -6.70
C ASN A 931 -41.10 5.99 -5.68
N ILE A 932 -41.98 6.63 -4.92
CA ILE A 932 -42.85 5.92 -4.00
C ILE A 932 -43.76 4.96 -4.76
N LEU A 933 -44.32 5.43 -5.88
CA LEU A 933 -45.25 4.60 -6.63
C LEU A 933 -44.57 3.35 -7.20
N ASN A 934 -43.30 3.49 -7.61
CA ASN A 934 -42.61 2.41 -8.29
C ASN A 934 -41.84 1.48 -7.36
N LEU A 935 -41.57 1.90 -6.12
CA LEU A 935 -40.62 1.16 -5.30
C LEU A 935 -41.15 0.81 -3.91
N SER A 936 -42.02 1.64 -3.35
CA SER A 936 -42.40 1.49 -1.94
C SER A 936 -43.08 0.14 -1.70
N LYS A 937 -44.08 -0.20 -2.51
CA LYS A 937 -44.80 -1.45 -2.30
C LYS A 937 -44.05 -2.65 -2.87
N GLU A 938 -43.32 -2.45 -3.98
CA GLU A 938 -42.64 -3.57 -4.63
C GLU A 938 -41.47 -4.08 -3.81
N PHE A 939 -40.85 -3.22 -3.00
CA PHE A 939 -39.62 -3.57 -2.29
C PHE A 939 -39.75 -3.41 -0.78
N ASN A 940 -40.99 -3.32 -0.26
CA ASN A 940 -41.25 -3.32 1.18
C ASN A 940 -40.53 -2.17 1.88
N ILE A 941 -40.52 -0.99 1.26
CA ILE A 941 -39.91 0.20 1.84
C ILE A 941 -41.04 1.08 2.38
N PRO A 942 -41.13 1.30 3.69
CA PRO A 942 -42.20 2.15 4.23
C PRO A 942 -42.23 3.53 3.56
N GLU A 943 -43.45 4.04 3.37
CA GLU A 943 -43.62 5.35 2.76
C GLU A 943 -42.93 6.44 3.56
N ILE A 944 -42.86 6.30 4.88
CA ILE A 944 -42.31 7.34 5.74
C ILE A 944 -40.82 7.55 5.50
N LYS A 945 -40.13 6.55 4.91
CA LYS A 945 -38.71 6.71 4.62
C LYS A 945 -38.44 7.65 3.46
N PHE A 946 -39.41 7.86 2.57
CA PHE A 946 -39.23 8.70 1.40
C PHE A 946 -39.46 10.17 1.73
N THR A 947 -38.62 11.03 1.17
CA THR A 947 -38.74 12.47 1.30
C THR A 947 -38.04 13.10 0.11
N PHE A 948 -38.12 14.42 0.01
CA PHE A 948 -37.50 15.14 -1.11
C PHE A 948 -36.78 16.37 -0.60
N CYS A 949 -35.87 16.88 -1.42
CA CYS A 949 -35.10 18.07 -1.09
C CYS A 949 -34.64 18.69 -2.41
N ASN A 950 -35.03 19.95 -2.63
CA ASN A 950 -34.70 20.62 -3.88
C ASN A 950 -33.18 20.80 -4.02
N ASN A 951 -32.72 20.74 -5.26
CA ASN A 951 -31.30 20.89 -5.52
C ASN A 951 -30.85 22.32 -5.21
N PRO A 952 -29.78 22.52 -4.47
CA PRO A 952 -29.30 23.87 -4.17
C PRO A 952 -28.64 24.53 -5.37
N ILE A 953 -28.71 25.85 -5.39
CA ILE A 953 -28.07 26.67 -6.42
C ILE A 953 -27.01 27.54 -5.76
N ASN A 954 -25.99 27.89 -6.54
CA ASN A 954 -24.91 28.77 -6.09
C ASN A 954 -25.24 30.16 -6.62
N ILE A 955 -25.95 30.95 -5.81
CA ILE A 955 -26.42 32.25 -6.27
C ILE A 955 -25.26 33.19 -6.54
N GLN A 956 -24.22 33.15 -5.70
CA GLN A 956 -23.12 34.09 -5.85
C GLN A 956 -22.31 33.80 -7.12
N GLN A 957 -22.16 32.52 -7.48
CA GLN A 957 -21.44 32.20 -8.71
C GLN A 957 -22.26 32.54 -9.94
N ILE A 958 -23.57 32.29 -9.91
CA ILE A 958 -24.44 32.64 -11.02
C ILE A 958 -24.43 34.16 -11.24
N LEU A 959 -24.54 34.92 -10.15
CA LEU A 959 -24.51 36.36 -10.25
C LEU A 959 -23.13 36.86 -10.70
N SER A 960 -22.07 36.22 -10.21
CA SER A 960 -20.73 36.65 -10.57
C SER A 960 -20.39 36.28 -12.01
N SER A 961 -20.83 35.09 -12.46
CA SER A 961 -20.52 34.68 -13.82
C SER A 961 -21.21 35.56 -14.85
N ALA A 962 -22.40 36.06 -14.54
CA ALA A 962 -23.14 36.87 -15.50
C ALA A 962 -22.61 38.30 -15.55
N GLU A 963 -22.35 38.91 -14.40
CA GLU A 963 -21.91 40.31 -14.38
C GLU A 963 -20.42 40.43 -14.63
N GLU A 964 -19.62 39.53 -14.06
CA GLU A 964 -18.20 39.52 -14.34
C GLU A 964 -17.97 38.75 -15.65
N ASN A 965 -16.73 38.39 -15.92
CA ASN A 965 -16.34 37.80 -17.20
C ASN A 965 -16.81 38.65 -18.37
N ILE A 966 -16.45 39.94 -18.32
CA ILE A 966 -16.64 40.83 -19.46
C ILE A 966 -15.88 40.24 -20.63
N GLU A 967 -16.56 39.43 -21.43
CA GLU A 967 -15.92 38.60 -22.42
C GLU A 967 -16.39 38.94 -23.82
N MET A 968 -15.69 38.41 -24.81
CA MET A 968 -15.98 38.65 -26.22
C MET A 968 -17.38 38.14 -26.56
N GLU A 969 -18.30 39.05 -26.81
CA GLU A 969 -19.67 38.72 -27.16
C GLU A 969 -19.92 39.08 -28.62
N SER A 970 -20.59 38.19 -29.34
CA SER A 970 -20.82 38.38 -30.77
C SER A 970 -21.61 39.67 -31.00
N GLU A 971 -21.24 40.38 -32.07
CA GLU A 971 -21.85 41.67 -32.38
C GLU A 971 -23.33 41.56 -32.73
N PHE A 972 -23.84 40.34 -32.94
CA PHE A 972 -25.21 40.14 -33.36
C PHE A 972 -26.19 40.05 -32.18
N THR A 973 -25.68 39.82 -30.97
CA THR A 973 -26.50 39.89 -29.77
C THR A 973 -26.54 41.30 -29.19
N LEU A 974 -25.49 42.09 -29.42
CA LEU A 974 -25.36 43.40 -28.81
C LEU A 974 -26.41 44.40 -29.29
N PHE A 975 -27.01 44.17 -30.46
CA PHE A 975 -27.97 45.11 -31.03
C PHE A 975 -29.14 44.32 -31.60
N ASN A 976 -30.33 44.47 -30.98
CA ASN A 976 -31.56 43.87 -31.49
C ASN A 976 -32.75 44.35 -30.65
N GLY A 977 -33.95 43.88 -30.99
CA GLY A 977 -35.12 44.15 -30.17
C GLY A 977 -35.32 43.12 -29.09
N GLN A 978 -36.00 42.02 -29.42
CA GLN A 978 -36.26 40.94 -28.48
C GLN A 978 -35.36 39.75 -28.80
N LYS A 979 -34.69 39.23 -27.78
CA LYS A 979 -33.70 38.17 -27.95
C LYS A 979 -34.15 36.92 -27.22
N PHE A 980 -34.03 35.78 -27.89
CA PHE A 980 -34.40 34.48 -27.33
C PHE A 980 -33.17 33.58 -27.33
N ILE A 981 -32.94 32.89 -26.21
CA ILE A 981 -31.71 32.12 -26.01
C ILE A 981 -32.07 30.67 -25.71
N ASN A 982 -31.19 29.77 -26.13
CA ASN A 982 -31.34 28.33 -25.85
C ASN A 982 -29.97 27.70 -25.80
N ILE A 983 -29.68 26.97 -24.72
CA ILE A 983 -28.44 26.22 -24.57
C ILE A 983 -28.78 24.73 -24.57
N GLY A 984 -28.03 23.96 -25.34
CA GLY A 984 -28.27 22.53 -25.43
C GLY A 984 -27.05 21.78 -25.91
N ARG A 985 -27.29 20.55 -26.38
CA ARG A 985 -26.22 19.69 -26.88
C ARG A 985 -26.49 19.14 -28.28
N MET A 986 -27.64 19.46 -28.88
CA MET A 986 -28.03 18.88 -30.17
C MET A 986 -28.04 17.36 -30.10
N SER A 987 -28.62 16.82 -29.03
CA SER A 987 -28.70 15.39 -28.81
C SER A 987 -30.07 14.81 -29.12
N HIS A 988 -30.89 15.52 -29.91
CA HIS A 988 -32.24 15.12 -30.26
C HIS A 988 -33.20 15.13 -29.06
N GLU A 989 -32.69 14.82 -27.87
CA GLU A 989 -33.48 15.04 -26.66
C GLU A 989 -33.74 16.53 -26.46
N LYS A 990 -32.79 17.38 -26.83
CA LYS A 990 -33.01 18.82 -26.79
C LYS A 990 -34.02 19.23 -27.86
N ASP A 991 -34.03 18.53 -28.99
CA ASP A 991 -35.02 18.72 -30.06
C ASP A 991 -35.07 20.18 -30.50
N GLN A 992 -33.95 20.64 -31.08
CA GLN A 992 -33.85 22.01 -31.55
C GLN A 992 -34.54 22.22 -32.90
N LEU A 993 -34.95 21.14 -33.57
CA LEU A 993 -35.69 21.30 -34.82
C LEU A 993 -37.10 21.83 -34.56
N LYS A 994 -37.77 21.33 -33.52
CA LYS A 994 -39.07 21.87 -33.15
C LYS A 994 -38.96 23.32 -32.72
N LEU A 995 -37.79 23.72 -32.22
CA LEU A 995 -37.58 25.12 -31.84
C LEU A 995 -37.52 26.03 -33.07
N ILE A 996 -36.73 25.65 -34.07
CA ILE A 996 -36.58 26.51 -35.25
C ILE A 996 -37.87 26.53 -36.07
N GLU A 997 -38.68 25.47 -35.99
CA GLU A 997 -39.94 25.45 -36.71
C GLU A 997 -40.97 26.34 -36.02
N ALA A 998 -40.99 26.34 -34.69
CA ALA A 998 -41.85 27.26 -33.96
C ALA A 998 -41.39 28.71 -34.16
N PHE A 999 -40.11 28.92 -34.43
CA PHE A 999 -39.62 30.26 -34.69
C PHE A 999 -40.10 30.78 -36.04
N TYR A 1000 -39.95 29.96 -37.09
CA TYR A 1000 -40.39 30.35 -38.43
C TYR A 1000 -41.87 30.74 -38.41
N GLU A 1001 -42.68 30.05 -37.61
CA GLU A 1001 -44.08 30.40 -37.49
C GLU A 1001 -44.30 31.63 -36.63
N ALA A 1002 -43.46 31.83 -35.62
CA ALA A 1002 -43.59 33.00 -34.74
C ALA A 1002 -43.07 34.28 -35.38
N LYS A 1003 -42.14 34.17 -36.34
CA LYS A 1003 -41.65 35.35 -37.05
C LYS A 1003 -42.75 36.01 -37.88
N LYS A 1004 -43.85 35.29 -38.16
CA LYS A 1004 -44.94 35.84 -38.94
C LYS A 1004 -45.65 36.96 -38.19
N ALA A 1005 -46.17 36.66 -36.99
CA ALA A 1005 -46.93 37.64 -36.24
C ALA A 1005 -46.05 38.79 -35.77
N HIS A 1006 -44.93 38.48 -35.12
CA HIS A 1006 -43.95 39.47 -34.71
C HIS A 1006 -42.64 39.19 -35.42
N VAL A 1007 -42.04 40.24 -35.99
CA VAL A 1007 -40.90 40.08 -36.88
C VAL A 1007 -39.59 40.58 -36.27
N ASN A 1008 -39.63 41.60 -35.42
CA ASN A 1008 -38.41 42.15 -34.81
C ASN A 1008 -37.94 41.22 -33.70
N ILE A 1009 -37.44 40.06 -34.09
CA ILE A 1009 -37.07 39.02 -33.14
C ILE A 1009 -35.79 38.34 -33.64
N ARG A 1010 -34.93 37.94 -32.70
CA ARG A 1010 -33.74 37.17 -33.02
C ARG A 1010 -33.59 36.05 -31.99
N LEU A 1011 -32.96 34.95 -32.41
CA LEU A 1011 -32.79 33.78 -31.58
C LEU A 1011 -31.37 33.26 -31.71
N PHE A 1012 -30.81 32.76 -30.60
CA PHE A 1012 -29.43 32.31 -30.54
C PHE A 1012 -29.36 30.97 -29.83
N ILE A 1013 -28.46 30.11 -30.30
CA ILE A 1013 -28.29 28.76 -29.77
C ILE A 1013 -26.83 28.56 -29.37
N LEU A 1014 -26.63 27.95 -28.21
CA LEU A 1014 -25.29 27.70 -27.68
C LEU A 1014 -25.07 26.19 -27.53
N GLY A 1015 -23.87 25.75 -27.89
CA GLY A 1015 -23.48 24.37 -27.74
C GLY A 1015 -23.10 23.73 -29.07
N ASP A 1016 -22.76 22.45 -28.98
CA ASP A 1016 -22.44 21.64 -30.16
C ASP A 1016 -22.87 20.21 -29.91
N GLY A 1017 -22.96 19.44 -30.99
CA GLY A 1017 -23.36 18.05 -30.85
C GLY A 1017 -23.43 17.35 -32.19
N VAL A 1018 -24.09 16.20 -32.19
CA VAL A 1018 -24.15 15.36 -33.38
C VAL A 1018 -25.07 15.98 -34.43
N LEU A 1019 -26.31 16.27 -34.03
CA LEU A 1019 -27.31 16.79 -34.97
C LEU A 1019 -27.04 18.26 -35.30
N LYS A 1020 -25.80 18.58 -35.66
CA LYS A 1020 -25.43 19.97 -35.94
C LYS A 1020 -25.65 20.34 -37.40
N GLN A 1021 -25.07 19.58 -38.33
CA GLN A 1021 -25.14 19.94 -39.74
C GLN A 1021 -26.58 20.00 -40.25
N ASP A 1022 -27.46 19.15 -39.72
CA ASP A 1022 -28.87 19.21 -40.09
C ASP A 1022 -29.52 20.51 -39.65
N LEU A 1023 -28.95 21.19 -38.65
CA LEU A 1023 -29.50 22.48 -38.23
C LEU A 1023 -29.16 23.58 -39.23
N ILE A 1024 -27.89 23.66 -39.65
CA ILE A 1024 -27.52 24.67 -40.64
C ILE A 1024 -28.21 24.38 -41.98
N ASN A 1025 -28.50 23.10 -42.26
CA ASN A 1025 -29.26 22.77 -43.46
C ASN A 1025 -30.69 23.30 -43.36
N LYS A 1026 -31.31 23.18 -42.19
CA LYS A 1026 -32.64 23.75 -41.99
C LYS A 1026 -32.61 25.27 -41.95
N ILE A 1027 -31.43 25.87 -41.75
CA ILE A 1027 -31.33 27.34 -41.73
C ILE A 1027 -31.70 27.92 -43.09
N LYS A 1028 -31.21 27.32 -44.17
CA LYS A 1028 -31.51 27.81 -45.51
C LYS A 1028 -32.92 27.50 -45.95
N ASP A 1029 -33.55 26.46 -45.38
CA ASP A 1029 -34.87 26.06 -45.84
C ASP A 1029 -35.92 27.10 -45.47
N LEU A 1030 -35.92 27.54 -44.22
CA LEU A 1030 -36.84 28.58 -43.77
C LEU A 1030 -36.42 29.98 -44.22
N SER A 1031 -35.30 30.11 -44.91
CA SER A 1031 -34.78 31.41 -45.36
C SER A 1031 -34.61 32.36 -44.18
N LEU A 1032 -34.01 31.85 -43.10
CA LEU A 1032 -33.75 32.61 -41.89
C LEU A 1032 -32.26 32.62 -41.56
N GLU A 1033 -31.42 32.82 -42.59
CA GLU A 1033 -29.99 32.89 -42.36
C GLU A 1033 -29.58 34.13 -41.58
N ASP A 1034 -30.38 35.19 -41.61
CA ASP A 1034 -30.10 36.43 -40.90
C ASP A 1034 -31.04 36.66 -39.73
N SER A 1035 -31.76 35.62 -39.29
CA SER A 1035 -32.65 35.71 -38.14
C SER A 1035 -32.35 34.71 -37.04
N VAL A 1036 -31.52 33.69 -37.30
CA VAL A 1036 -31.10 32.72 -36.29
C VAL A 1036 -29.60 32.53 -36.43
N TYR A 1037 -28.88 32.63 -35.32
CA TYR A 1037 -27.44 32.49 -35.30
C TYR A 1037 -27.03 31.34 -34.40
N LEU A 1038 -26.08 30.54 -34.87
CA LEU A 1038 -25.64 29.33 -34.20
C LEU A 1038 -24.26 29.60 -33.62
N LEU A 1039 -24.24 30.21 -32.43
CA LEU A 1039 -22.98 30.48 -31.76
C LEU A 1039 -22.35 29.17 -31.27
N GLY A 1040 -21.05 29.25 -30.97
CA GLY A 1040 -20.31 28.06 -30.58
C GLY A 1040 -20.64 27.54 -29.20
N GLN A 1041 -19.75 26.71 -28.64
CA GLN A 1041 -19.90 26.21 -27.28
C GLN A 1041 -19.17 27.17 -26.34
N LYS A 1042 -19.94 27.86 -25.49
CA LYS A 1042 -19.42 28.94 -24.67
C LYS A 1042 -19.08 28.41 -23.28
N LYS A 1043 -17.84 28.66 -22.84
CA LYS A 1043 -17.40 28.22 -21.52
C LYS A 1043 -18.02 29.02 -20.38
N ASN A 1044 -18.80 30.05 -20.68
CA ASN A 1044 -19.48 30.85 -19.66
C ASN A 1044 -20.70 31.50 -20.31
N PRO A 1045 -21.87 30.85 -20.26
CA PRO A 1045 -23.05 31.38 -20.95
C PRO A 1045 -23.88 32.38 -20.15
N PHE A 1046 -23.48 32.71 -18.94
CA PHE A 1046 -24.30 33.51 -18.04
C PHE A 1046 -24.41 34.97 -18.46
N PRO A 1047 -23.37 35.59 -19.04
CA PRO A 1047 -23.59 36.90 -19.67
C PRO A 1047 -24.67 36.88 -20.74
N TYR A 1048 -24.70 35.82 -21.55
CA TYR A 1048 -25.75 35.69 -22.57
C TYR A 1048 -27.11 35.48 -21.93
N LEU A 1049 -27.17 34.66 -20.88
CA LEU A 1049 -28.45 34.34 -20.25
C LEU A 1049 -29.04 35.56 -19.56
N LYS A 1050 -28.21 36.45 -19.02
CA LYS A 1050 -28.71 37.66 -18.38
C LYS A 1050 -29.17 38.67 -19.41
N GLN A 1051 -28.37 38.91 -20.44
CA GLN A 1051 -28.69 39.93 -21.44
C GLN A 1051 -29.80 39.50 -22.39
N ALA A 1052 -30.18 38.22 -22.40
CA ALA A 1052 -31.28 37.78 -23.23
C ALA A 1052 -32.62 38.19 -22.62
N ASP A 1053 -33.67 38.09 -23.41
CA ASP A 1053 -35.01 38.44 -22.96
C ASP A 1053 -35.87 37.24 -22.62
N VAL A 1054 -35.70 36.13 -23.34
CA VAL A 1054 -36.42 34.88 -23.06
C VAL A 1054 -35.45 33.72 -23.20
N PHE A 1055 -35.51 32.79 -22.26
CA PHE A 1055 -34.81 31.51 -22.38
C PHE A 1055 -35.81 30.44 -22.79
N ILE A 1056 -35.51 29.74 -23.88
CA ILE A 1056 -36.39 28.72 -24.44
C ILE A 1056 -35.76 27.35 -24.21
N LEU A 1057 -36.57 26.40 -23.75
CA LEU A 1057 -36.18 24.99 -23.71
C LEU A 1057 -37.26 24.19 -24.43
N SER A 1058 -36.92 23.70 -25.62
CA SER A 1058 -37.81 22.87 -26.42
C SER A 1058 -37.53 21.39 -26.24
N SER A 1059 -36.90 21.02 -25.13
CA SER A 1059 -36.40 19.66 -24.95
C SER A 1059 -37.54 18.66 -24.82
N ASN A 1060 -37.25 17.42 -25.20
CA ASN A 1060 -38.19 16.32 -25.03
C ASN A 1060 -37.89 15.48 -23.80
N HIS A 1061 -36.62 15.33 -23.43
CA HIS A 1061 -36.21 14.68 -22.19
C HIS A 1061 -35.19 15.56 -21.50
N GLU A 1062 -35.46 15.92 -20.25
CA GLU A 1062 -34.56 16.71 -19.42
C GLU A 1062 -34.42 16.04 -18.07
N GLY A 1063 -33.19 15.71 -17.69
CA GLY A 1063 -32.93 15.08 -16.42
C GLY A 1063 -32.84 16.07 -15.27
N GLN A 1064 -31.85 16.96 -15.33
CA GLN A 1064 -31.63 17.98 -14.30
C GLN A 1064 -31.60 19.35 -14.95
N PRO A 1065 -32.75 19.87 -15.38
CA PRO A 1065 -32.78 21.21 -15.99
C PRO A 1065 -32.55 22.31 -14.98
N MET A 1066 -31.31 22.49 -14.55
CA MET A 1066 -30.99 23.55 -13.60
C MET A 1066 -30.79 24.90 -14.26
N VAL A 1067 -30.57 24.92 -15.58
CA VAL A 1067 -30.47 26.18 -16.31
C VAL A 1067 -31.77 26.96 -16.20
N LEU A 1068 -32.88 26.24 -16.02
CA LEU A 1068 -34.18 26.89 -15.92
C LEU A 1068 -34.28 27.77 -14.68
N LEU A 1069 -33.80 27.27 -13.54
CA LEU A 1069 -33.71 28.11 -12.36
C LEU A 1069 -32.63 29.18 -12.52
N GLU A 1070 -31.50 28.82 -13.15
CA GLU A 1070 -30.42 29.76 -13.35
C GLU A 1070 -30.90 31.00 -14.09
N SER A 1071 -31.64 30.81 -15.19
CA SER A 1071 -32.14 31.94 -15.95
C SER A 1071 -33.12 32.78 -15.14
N LEU A 1072 -33.90 32.13 -14.28
CA LEU A 1072 -34.94 32.85 -13.54
C LEU A 1072 -34.35 33.70 -12.43
N THR A 1073 -33.24 33.28 -11.83
CA THR A 1073 -32.55 34.15 -10.88
C THR A 1073 -31.91 35.34 -11.58
N LEU A 1074 -31.52 35.18 -12.84
CA LEU A 1074 -30.92 36.27 -13.60
C LEU A 1074 -31.94 37.28 -14.11
N GLY A 1075 -33.24 37.02 -13.94
CA GLY A 1075 -34.26 37.97 -14.27
C GLY A 1075 -34.82 37.85 -15.68
N THR A 1076 -34.47 36.82 -16.43
CA THR A 1076 -34.99 36.63 -17.77
C THR A 1076 -35.95 35.46 -17.79
N PRO A 1077 -37.22 35.66 -18.16
CA PRO A 1077 -38.24 34.63 -17.95
C PRO A 1077 -38.08 33.38 -18.81
N ILE A 1078 -39.05 32.47 -18.70
CA ILE A 1078 -38.90 31.09 -19.14
C ILE A 1078 -40.14 30.69 -19.93
N ILE A 1079 -39.93 30.02 -21.06
CA ILE A 1079 -40.95 29.17 -21.66
C ILE A 1079 -40.30 27.82 -21.95
N ALA A 1080 -40.95 26.74 -21.53
CA ALA A 1080 -40.35 25.42 -21.63
C ALA A 1080 -41.44 24.39 -21.88
N THR A 1081 -41.08 23.35 -22.63
CA THR A 1081 -42.02 22.27 -22.92
C THR A 1081 -42.38 21.54 -21.62
N ASP A 1082 -43.65 21.16 -21.52
CA ASP A 1082 -44.19 20.54 -20.31
C ASP A 1082 -43.87 19.04 -20.34
N ILE A 1083 -42.59 18.74 -20.16
CA ILE A 1083 -42.13 17.37 -19.95
C ILE A 1083 -41.95 17.15 -18.45
N VAL A 1084 -41.62 15.92 -18.05
CA VAL A 1084 -41.61 15.61 -16.62
C VAL A 1084 -40.42 16.28 -15.93
N GLY A 1085 -39.31 16.48 -16.64
CA GLY A 1085 -38.15 17.11 -16.02
C GLY A 1085 -38.36 18.59 -15.77
N ASN A 1086 -38.92 19.29 -16.76
CA ASN A 1086 -39.15 20.73 -16.61
C ASN A 1086 -40.28 21.01 -15.63
N ARG A 1087 -41.23 20.08 -15.49
CA ARG A 1087 -42.32 20.28 -14.54
C ARG A 1087 -41.88 19.98 -13.11
N SER A 1088 -40.90 19.09 -12.92
CA SER A 1088 -40.45 18.75 -11.58
C SER A 1088 -39.74 19.90 -10.89
N ILE A 1089 -39.18 20.84 -11.65
CA ILE A 1089 -38.48 21.98 -11.09
C ILE A 1089 -39.36 23.23 -11.05
N LEU A 1090 -40.19 23.43 -12.06
CA LEU A 1090 -41.02 24.64 -12.13
C LEU A 1090 -42.37 24.45 -11.45
N GLY A 1091 -43.10 23.43 -11.86
CA GLY A 1091 -44.46 23.28 -11.37
C GLY A 1091 -45.41 24.29 -11.98
N GLU A 1092 -46.42 24.66 -11.21
CA GLU A 1092 -47.46 25.57 -11.67
C GLU A 1092 -47.20 27.03 -11.32
N ASN A 1093 -46.28 27.31 -10.39
CA ASN A 1093 -46.06 28.67 -9.91
C ASN A 1093 -44.87 29.37 -10.55
N TYR A 1094 -43.77 28.66 -10.79
CA TYR A 1094 -42.59 29.26 -11.40
C TYR A 1094 -42.61 29.06 -12.91
N GLY A 1095 -42.25 30.12 -13.63
CA GLY A 1095 -42.09 30.06 -15.08
C GLY A 1095 -43.34 29.73 -15.86
N THR A 1096 -43.21 29.65 -17.19
CA THR A 1096 -44.34 29.38 -18.08
C THR A 1096 -44.06 28.09 -18.83
N LEU A 1097 -44.98 27.14 -18.74
CA LEU A 1097 -44.86 25.85 -19.40
C LEU A 1097 -45.84 25.75 -20.56
N VAL A 1098 -45.46 24.98 -21.58
CA VAL A 1098 -46.28 24.82 -22.79
C VAL A 1098 -46.23 23.35 -23.22
N GLU A 1099 -47.19 22.98 -24.06
CA GLU A 1099 -47.21 21.64 -24.61
C GLU A 1099 -46.02 21.42 -25.54
N ASN A 1100 -45.64 20.15 -25.70
CA ASN A 1100 -44.42 19.80 -26.44
C ASN A 1100 -44.77 19.57 -27.91
N ASN A 1101 -45.07 20.68 -28.58
CA ASN A 1101 -45.30 20.67 -30.02
C ASN A 1101 -44.92 22.03 -30.58
N LYS A 1102 -44.93 22.13 -31.91
CA LYS A 1102 -44.67 23.42 -32.55
C LYS A 1102 -45.64 24.48 -32.06
N ASP A 1103 -46.94 24.16 -32.05
CA ASP A 1103 -47.97 25.14 -31.73
C ASP A 1103 -47.84 25.64 -30.29
N GLY A 1104 -47.43 24.77 -29.37
CA GLY A 1104 -47.27 25.20 -27.98
C GLY A 1104 -46.15 26.20 -27.81
N LEU A 1105 -45.05 26.02 -28.54
CA LEU A 1105 -43.94 26.96 -28.45
C LEU A 1105 -44.29 28.29 -29.11
N VAL A 1106 -45.03 28.26 -30.22
CA VAL A 1106 -45.48 29.50 -30.84
C VAL A 1106 -46.43 30.25 -29.92
N GLN A 1107 -47.32 29.52 -29.23
CA GLN A 1107 -48.22 30.17 -28.29
C GLN A 1107 -47.45 30.80 -27.14
N GLY A 1108 -46.38 30.15 -26.68
CA GLY A 1108 -45.56 30.73 -25.64
C GLY A 1108 -44.82 31.97 -26.08
N ILE A 1109 -44.35 31.98 -27.33
CA ILE A 1109 -43.68 33.16 -27.87
C ILE A 1109 -44.67 34.31 -28.03
N ASN A 1110 -45.85 34.01 -28.60
CA ASN A 1110 -46.85 35.06 -28.81
C ASN A 1110 -47.39 35.59 -27.48
N ALA A 1111 -47.60 34.71 -26.51
CA ALA A 1111 -48.09 35.15 -25.20
C ALA A 1111 -47.08 36.06 -24.52
N TYR A 1112 -45.78 35.78 -24.69
CA TYR A 1112 -44.76 36.68 -24.16
C TYR A 1112 -44.79 38.03 -24.86
N MET A 1113 -45.13 38.05 -26.14
CA MET A 1113 -45.02 39.30 -26.90
C MET A 1113 -46.17 40.25 -26.60
N GLU A 1114 -47.32 39.72 -26.18
CA GLU A 1114 -48.42 40.59 -25.76
C GLU A 1114 -48.34 40.89 -24.27
N LYS A 1115 -48.35 39.85 -23.43
CA LYS A 1115 -48.45 40.03 -21.99
C LYS A 1115 -47.10 40.21 -21.30
N GLY A 1116 -46.02 39.71 -21.88
CA GLY A 1116 -44.71 39.83 -21.28
C GLY A 1116 -44.29 38.57 -20.54
N GLY A 1117 -43.16 38.71 -19.83
CA GLY A 1117 -42.71 37.62 -18.98
C GLY A 1117 -43.65 37.38 -17.82
N ARG A 1118 -43.78 36.11 -17.42
CA ARG A 1118 -44.73 35.76 -16.38
C ARG A 1118 -44.36 36.41 -15.06
N LYS A 1119 -45.38 36.86 -14.34
CA LYS A 1119 -45.20 37.52 -13.04
C LYS A 1119 -45.18 36.49 -11.91
N ASP A 1120 -44.26 35.53 -12.04
CA ASP A 1120 -44.16 34.44 -11.06
C ASP A 1120 -43.65 34.92 -9.72
N LYS A 1121 -43.01 36.08 -9.67
CA LYS A 1121 -42.40 36.62 -8.45
C LYS A 1121 -41.38 35.62 -7.87
N PHE A 1122 -40.42 35.26 -8.71
CA PHE A 1122 -39.41 34.28 -8.32
C PHE A 1122 -38.30 34.97 -7.52
N ASP A 1123 -38.09 34.51 -6.29
CA ASP A 1123 -37.01 35.01 -5.45
C ASP A 1123 -35.93 33.94 -5.36
N PRO A 1124 -34.73 34.18 -5.90
CA PRO A 1124 -33.68 33.15 -5.81
C PRO A 1124 -33.28 32.82 -4.39
N TYR A 1125 -33.30 33.80 -3.50
CA TYR A 1125 -32.94 33.54 -2.11
C TYR A 1125 -34.03 32.78 -1.38
N GLU A 1126 -35.29 32.98 -1.76
CA GLU A 1126 -36.37 32.20 -1.16
C GLU A 1126 -36.25 30.72 -1.53
N TYR A 1127 -35.89 30.44 -2.79
CA TYR A 1127 -35.67 29.06 -3.20
C TYR A 1127 -34.47 28.46 -2.49
N GLN A 1128 -33.39 29.25 -2.32
CA GLN A 1128 -32.21 28.73 -1.65
C GLN A 1128 -32.46 28.48 -0.17
N ASN A 1129 -33.15 29.41 0.50
CA ASN A 1129 -33.45 29.20 1.92
C ASN A 1129 -34.34 27.99 2.13
N ASP A 1130 -35.32 27.78 1.25
CA ASP A 1130 -36.19 26.62 1.37
C ASP A 1130 -35.42 25.32 1.12
N ALA A 1131 -34.54 25.32 0.12
CA ALA A 1131 -33.78 24.11 -0.19
C ALA A 1131 -32.83 23.74 0.93
N MET A 1132 -32.12 24.74 1.48
CA MET A 1132 -31.14 24.45 2.54
C MET A 1132 -31.84 24.09 3.84
N ALA A 1133 -32.98 24.73 4.13
CA ALA A 1133 -33.72 24.40 5.34
C ALA A 1133 -34.24 22.97 5.30
N LYS A 1134 -34.72 22.53 4.13
CA LYS A 1134 -35.13 21.15 4.00
C LYS A 1134 -33.96 20.20 4.18
N PHE A 1135 -32.79 20.56 3.64
CA PHE A 1135 -31.60 19.74 3.83
C PHE A 1135 -31.26 19.62 5.31
N TYR A 1136 -31.13 20.75 6.00
CA TYR A 1136 -30.73 20.71 7.41
C TYR A 1136 -31.76 20.00 8.27
N SER A 1137 -33.03 20.02 7.86
CA SER A 1137 -34.05 19.28 8.58
C SER A 1137 -33.87 17.77 8.44
N LEU A 1138 -33.20 17.32 7.38
CA LEU A 1138 -33.00 15.89 7.17
C LEU A 1138 -31.87 15.33 8.02
N LEU A 1139 -31.01 16.18 8.58
CA LEU A 1139 -29.88 15.72 9.38
C LEU A 1139 -30.35 15.29 10.77
N ALA A 1140 -29.41 14.90 11.61
CA ALA A 1140 -29.71 14.34 12.92
C ALA A 1140 -29.68 15.40 14.01
N ASN A 1141 -30.11 15.00 15.19
CA ASN A 1141 -30.15 15.86 16.38
C ASN A 1141 -28.97 15.48 17.27
N LEU A 1142 -29.14 15.33 18.58
CA LEU A 1142 -28.13 14.72 19.44
C LEU A 1142 -28.50 13.26 19.68
N GLU A 1143 -28.55 12.51 18.59
CA GLU A 1143 -29.05 11.15 18.58
C GLU A 1143 -27.91 10.16 18.71
N HIS A 1144 -28.25 8.87 18.76
CA HIS A 1144 -27.29 7.82 19.08
C HIS A 1144 -26.63 7.28 17.81
N HIS A 1145 -25.32 7.09 17.89
CA HIS A 1145 -24.57 6.47 16.80
C HIS A 1145 -24.99 5.02 16.62
N HIS A 1146 -24.97 4.56 15.37
CA HIS A 1146 -25.36 3.18 15.08
C HIS A 1146 -24.90 2.83 13.67
N HIS A 1147 -24.95 1.53 13.37
CA HIS A 1147 -24.82 1.02 12.02
C HIS A 1147 -25.98 0.08 11.76
N HIS A 1148 -26.19 -0.27 10.49
CA HIS A 1148 -27.36 -1.06 10.11
C HIS A 1148 -27.04 -2.54 9.94
#